data_8ZSJ
#
_entry.id   8ZSJ
#
_cell.length_a   1.00
_cell.length_b   1.00
_cell.length_c   1.00
_cell.angle_alpha   90.00
_cell.angle_beta   90.00
_cell.angle_gamma   90.00
#
_symmetry.space_group_name_H-M   'P 1'
#
loop_
_entity.id
_entity.type
_entity.pdbx_description
1 polymer 'Guanine nucleotide-binding protein G(s) subunit alpha isoforms short'
2 polymer 'Guanine nucleotide-binding protein G(I)/G(S)/G(T) subunit beta-1'
3 polymer 'Guanine nucleotide-binding protein G(I)/G(S)/G(O) subunit gamma-2'
4 polymer Nb35
5 polymer 'Soluble cytochrome b562,Trace amine-associated receptor 1'
6 non-polymer CHOLESTEROL
7 water water
#
loop_
_entity_poly.entity_id
_entity_poly.type
_entity_poly.pdbx_seq_one_letter_code
_entity_poly.pdbx_strand_id
1 'polypeptide(L)'
;MGSTVSAEDKAAAERSKMIDKNLREDGEKAAAATHRLLLLGADNSGKSTIVKQMRIYHGGSGGSGVNSGIFETKFQVDKV
NFHMFDVGAQRDERRKWIQCFNDVTAIIFVVDSSDYNRLQEALNDFKSIWNNRWLRTISVILFLNKQDLLAEKVLAGKSK
IEDYFPEFARYTTPEDATPEPGEDPRVTRAKYFIRDEFLRISTASGDGRHYCYPHFTCSVDTENARRIFNDCRDIIQRMH
LRQYELL
;
A
2 'polypeptide(L)'
;MGSLLQSELDQLRQEAEQLKNQIRDARKACADATLSQITNNIDPVGRIQMRTRRTLRGHLAKIYAMHWGTDSRLLVSASQ
DGKLIIWDSYTTNKVHAIPLRSSWVMTCAYAPSGNYVACGGLDNICSIYNLKTREGNVRVSRELAGHTGYLSCCRFLDDN
QIVTSSGDTTCALWDIETGQQTTTFTGHTGDVMSLSLAPDTRLFVSGACDASAKLWDVREGMCRQTFTGHESDINAICFF
PNGNAFATGSDDATCRLFDLRADQELMTYSHDNIICGITSVSFSKSGRLLLAGYDDFNCNVWDALKADRAGVLAGHDNRV
SCLGVTDDGMAVATGSWDSFLKIWN
;
B
3 'polypeptide(L)' MASNNTASIAQARKLVEQLKMEANIDRIKVSKAAADLMAYCEAHAKEDPLLTPVPASENPFREKKFFCAIL G
4 'polypeptide(L)'
;MQVQLQESGGGLVQPGGSLRLSCAASGFTFSNYKMNWVRQAPGKGLEWVSDISQSGASISYTGSVKGRFTISRDNAKNTL
YLQMNSLKPEDTAVYYCARCPAPFTRDCFDVTSTTYAYRGQGTQVTVSSHHHHHHEPEA
;
N
5 'polypeptide(L)'
;MKTIIALSYIFCLVFADYKDDDDKHHHHHHHHHHLEVLFQGPADLEDNWETLNDNLKVIEKADNAAQVKDALTKMRAAAL
DAQKATPPKLEDKSPDSPEMKDFRHGFDILVGQIDDALKLANEGKVKEAQAAAEQLKTTRNAYIQKYLMGQPGNGSAMPF
CHNIINISCVKNNWSNDVRASLYSLMVLIILTTLVGNLIVIVSISHFKQLHTPTNWLIHSMATVDFLLGCLVMPYSMVRS
AEHCWYFGEVFCKIHTSTDIMLSSASIFHLSFISIDRYYAVCDPLRYKAKMNILVICVMIFISWSVPAVFAFGMIFLELN
FKGAEEIYYKHVHCRGGCSVFFSKISGVLTFMTSFYIPGSIMLCVYYRIYLIAKEQARLISDANQKLQIGLEMKNGISQS
KERKAVKTLGIVMGVFLICWCPFFICTVMDPFLHYIIPPTLNDVLIWFGYLNSTFNPMVYAFFYPWFRKALKMMLFGKIF
QKDSSRCKLFLELSS
;
R
#
loop_
_chem_comp.id
_chem_comp.type
_chem_comp.name
_chem_comp.formula
CLR non-polymer CHOLESTEROL 'C27 H46 O'
#
# COMPACT_ATOMS: atom_id res chain seq x y z
N VAL A 5 -35.97 -2.32 14.84
CA VAL A 5 -37.23 -2.47 15.56
C VAL A 5 -38.30 -1.56 14.97
N SER A 6 -38.06 -0.25 15.06
CA SER A 6 -39.00 0.71 14.51
C SER A 6 -38.98 0.67 12.99
N ALA A 7 -40.00 1.27 12.38
CA ALA A 7 -40.09 1.28 10.92
C ALA A 7 -38.93 2.02 10.29
N GLU A 8 -38.54 3.16 10.89
CA GLU A 8 -37.40 3.90 10.38
C GLU A 8 -36.11 3.10 10.47
N ASP A 9 -35.90 2.40 11.59
CA ASP A 9 -34.71 1.58 11.74
C ASP A 9 -34.69 0.43 10.74
N LYS A 10 -35.84 -0.21 10.52
CA LYS A 10 -35.90 -1.30 9.54
C LYS A 10 -35.64 -0.79 8.13
N ALA A 11 -36.21 0.37 7.79
CA ALA A 11 -35.95 0.95 6.47
C ALA A 11 -34.48 1.30 6.31
N ALA A 12 -33.86 1.86 7.36
CA ALA A 12 -32.44 2.19 7.29
C ALA A 12 -31.59 0.95 7.12
N ALA A 13 -31.91 -0.13 7.84
CA ALA A 13 -31.13 -1.36 7.71
C ALA A 13 -31.30 -1.97 6.32
N GLU A 14 -32.52 -1.94 5.77
CA GLU A 14 -32.74 -2.46 4.43
C GLU A 14 -31.99 -1.62 3.39
N ARG A 15 -32.00 -0.30 3.55
CA ARG A 15 -31.25 0.56 2.65
C ARG A 15 -29.76 0.29 2.75
N SER A 16 -29.25 0.07 3.95
CA SER A 16 -27.84 -0.26 4.12
C SER A 16 -27.49 -1.57 3.44
N LYS A 17 -28.35 -2.58 3.58
CA LYS A 17 -28.10 -3.87 2.93
C LYS A 17 -28.17 -3.75 1.41
N MET A 18 -29.11 -2.96 0.90
CA MET A 18 -29.19 -2.75 -0.55
C MET A 18 -27.95 -2.02 -1.06
N ILE A 19 -27.50 -1.01 -0.32
CA ILE A 19 -26.28 -0.29 -0.70
C ILE A 19 -25.09 -1.22 -0.69
N ASP A 20 -24.99 -2.08 0.32
CA ASP A 20 -23.88 -3.04 0.38
C ASP A 20 -23.95 -4.03 -0.78
N LYS A 21 -25.15 -4.47 -1.14
CA LYS A 21 -25.30 -5.39 -2.27
C LYS A 21 -24.86 -4.75 -3.58
N ASN A 22 -25.34 -3.53 -3.85
CA ASN A 22 -24.94 -2.83 -5.06
C ASN A 22 -23.45 -2.56 -5.06
N LEU A 23 -22.89 -2.23 -3.89
CA LEU A 23 -21.47 -1.98 -3.78
C LEU A 23 -20.65 -3.23 -4.07
N ARG A 24 -21.08 -4.39 -3.57
CA ARG A 24 -20.38 -5.63 -3.86
C ARG A 24 -20.49 -5.99 -5.33
N GLU A 25 -21.65 -5.72 -5.94
CA GLU A 25 -21.79 -5.94 -7.38
C GLU A 25 -20.82 -5.06 -8.16
N ASP A 26 -20.71 -3.79 -7.79
CA ASP A 26 -19.82 -2.90 -8.57
C ASP A 26 -18.37 -3.40 -8.44
N GLY A 27 -17.94 -3.70 -7.21
CA GLY A 27 -16.55 -4.12 -6.96
C GLY A 27 -15.99 -5.18 -7.88
N GLU A 28 -16.60 -6.37 -7.91
CA GLU A 28 -16.09 -7.51 -8.71
C GLU A 28 -16.31 -7.17 -10.18
N LYS A 29 -17.46 -6.55 -10.49
CA LYS A 29 -17.78 -6.24 -11.90
C LYS A 29 -16.63 -5.45 -12.52
N ALA A 30 -16.11 -4.46 -11.79
CA ALA A 30 -15.05 -3.59 -12.40
C ALA A 30 -13.63 -4.10 -12.08
N ALA A 31 -13.44 -5.04 -11.16
CA ALA A 31 -12.05 -5.44 -10.79
C ALA A 31 -11.63 -6.82 -11.29
N ALA A 32 -12.49 -7.57 -11.99
CA ALA A 32 -12.09 -8.92 -12.35
C ALA A 32 -11.50 -8.90 -13.75
N ALA A 33 -10.29 -9.46 -13.88
CA ALA A 33 -9.56 -9.47 -15.15
C ALA A 33 -9.35 -8.06 -15.70
N THR A 34 -9.11 -7.10 -14.81
CA THR A 34 -8.69 -5.77 -15.20
C THR A 34 -7.53 -5.32 -14.31
N HIS A 35 -6.59 -4.60 -14.91
CA HIS A 35 -5.36 -4.22 -14.24
C HIS A 35 -5.05 -2.75 -14.51
N ARG A 36 -4.56 -2.06 -13.49
CA ARG A 36 -4.28 -0.64 -13.57
C ARG A 36 -2.78 -0.40 -13.68
N LEU A 37 -2.38 0.45 -14.61
CA LEU A 37 -0.98 0.71 -14.91
C LEU A 37 -0.70 2.19 -14.85
N LEU A 38 0.42 2.56 -14.23
CA LEU A 38 0.84 3.96 -14.15
C LEU A 38 1.86 4.22 -15.23
N LEU A 39 1.53 5.11 -16.16
CA LEU A 39 2.42 5.45 -17.27
C LEU A 39 3.28 6.64 -16.86
N LEU A 40 4.57 6.37 -16.64
CA LEU A 40 5.52 7.40 -16.26
C LEU A 40 6.52 7.62 -17.39
N GLY A 41 7.13 8.80 -17.38
CA GLY A 41 8.09 9.14 -18.40
C GLY A 41 8.41 10.62 -18.34
N ALA A 42 9.11 11.07 -19.38
CA ALA A 42 9.49 12.46 -19.52
C ALA A 42 8.83 13.04 -20.78
N ASP A 43 9.08 14.32 -21.02
CA ASP A 43 8.47 14.98 -22.17
C ASP A 43 8.99 14.40 -23.48
N ASN A 44 10.28 14.08 -23.55
CA ASN A 44 10.86 13.59 -24.79
C ASN A 44 10.48 12.15 -25.11
N SER A 45 10.05 11.38 -24.11
CA SER A 45 9.69 10.00 -24.34
C SER A 45 8.36 9.90 -25.07
N GLY A 46 8.15 8.76 -25.74
CA GLY A 46 6.90 8.50 -26.41
C GLY A 46 5.90 7.77 -25.53
N LYS A 47 5.75 8.26 -24.29
CA LYS A 47 4.87 7.60 -23.34
C LYS A 47 3.43 7.58 -23.85
N SER A 48 2.98 8.69 -24.42
CA SER A 48 1.61 8.76 -24.95
C SER A 48 1.42 7.87 -26.17
N THR A 49 2.49 7.34 -26.75
CA THR A 49 2.40 6.53 -27.97
C THR A 49 2.94 5.12 -27.79
N ILE A 50 3.25 4.74 -26.56
CA ILE A 50 3.74 3.35 -26.29
C ILE A 50 2.70 2.28 -26.68
N VAL A 51 1.52 2.34 -26.07
CA VAL A 51 0.45 1.32 -26.34
C VAL A 51 -0.69 2.04 -27.07
N LYS A 52 -0.47 3.31 -27.40
CA LYS A 52 -1.50 4.08 -28.14
C LYS A 52 -1.90 3.21 -29.34
N GLN A 53 -0.99 2.37 -29.81
CA GLN A 53 -1.39 1.43 -30.86
C GLN A 53 -2.69 0.79 -30.37
N MET A 54 -3.82 1.10 -31.01
CA MET A 54 -5.14 0.62 -30.49
C MET A 54 -5.30 1.15 -29.07
N ARG A 55 -5.10 2.47 -28.88
CA ARG A 55 -5.24 3.10 -27.54
C ARG A 55 -6.05 2.18 -26.62
N SER A 68 -9.30 14.91 -16.89
CA SER A 68 -8.90 16.05 -16.01
C SER A 68 -7.37 16.06 -15.86
N GLY A 69 -6.64 15.86 -16.95
CA GLY A 69 -5.16 15.84 -16.90
C GLY A 69 -4.62 14.44 -16.70
N ILE A 70 -5.47 13.51 -16.25
CA ILE A 70 -5.03 12.09 -16.08
C ILE A 70 -5.52 11.29 -17.30
N PHE A 71 -4.84 11.43 -18.44
CA PHE A 71 -5.23 10.70 -19.63
C PHE A 71 -5.34 9.30 -19.06
N GLU A 72 -6.52 8.69 -19.16
CA GLU A 72 -6.73 7.28 -18.92
C GLU A 72 -6.79 6.55 -20.25
N THR A 73 -5.98 5.51 -20.38
CA THR A 73 -5.94 4.68 -21.58
C THR A 73 -6.41 3.28 -21.21
N LYS A 74 -7.36 2.75 -21.98
CA LYS A 74 -7.89 1.42 -21.78
C LYS A 74 -7.64 0.59 -23.02
N PHE A 75 -7.02 -0.57 -22.85
CA PHE A 75 -6.78 -1.48 -23.95
C PHE A 75 -6.99 -2.91 -23.49
N GLN A 76 -7.26 -3.78 -24.47
CA GLN A 76 -7.50 -5.20 -24.16
C GLN A 76 -6.57 -6.06 -25.02
N VAL A 77 -6.14 -7.20 -24.51
CA VAL A 77 -5.21 -8.09 -25.20
C VAL A 77 -5.83 -9.47 -25.40
N ASP A 78 -6.12 -10.15 -24.30
CA ASP A 78 -6.65 -11.51 -24.32
C ASP A 78 -7.84 -11.62 -23.38
N LYS A 79 -8.81 -10.71 -23.53
CA LYS A 79 -10.02 -10.67 -22.65
C LYS A 79 -9.65 -10.10 -21.28
N VAL A 80 -8.43 -9.59 -21.11
CA VAL A 80 -8.01 -8.95 -19.87
C VAL A 80 -7.89 -7.45 -20.14
N ASN A 81 -8.52 -6.64 -19.30
CA ASN A 81 -8.52 -5.20 -19.48
C ASN A 81 -7.36 -4.57 -18.73
N PHE A 82 -6.78 -3.54 -19.34
CA PHE A 82 -5.70 -2.78 -18.73
C PHE A 82 -6.06 -1.31 -18.75
N HIS A 83 -6.02 -0.68 -17.57
CA HIS A 83 -6.33 0.74 -17.43
C HIS A 83 -5.02 1.47 -17.17
N MET A 84 -4.53 2.19 -18.16
CA MET A 84 -3.24 2.87 -18.08
C MET A 84 -3.48 4.35 -17.80
N PHE A 85 -2.98 4.83 -16.66
CA PHE A 85 -3.20 6.18 -16.21
C PHE A 85 -1.96 7.03 -16.44
N ASP A 86 -2.12 8.15 -17.14
CA ASP A 86 -1.05 9.09 -17.42
C ASP A 86 -1.37 10.40 -16.73
N VAL A 87 -0.64 10.71 -15.66
CA VAL A 87 -0.84 11.94 -14.91
C VAL A 87 -0.07 13.06 -15.62
N GLY A 88 -0.76 14.13 -15.97
CA GLY A 88 -0.13 15.19 -16.71
C GLY A 88 -0.59 16.59 -16.35
N ALA A 89 -1.30 16.72 -15.23
CA ALA A 89 -1.86 18.00 -14.81
C ALA A 89 -1.26 18.52 -13.52
N GLN A 90 -0.13 17.98 -13.09
CA GLN A 90 0.51 18.39 -11.85
C GLN A 90 1.84 19.09 -12.13
N ARG A 91 2.40 19.66 -11.07
CA ARG A 91 3.72 20.27 -11.15
C ARG A 91 4.80 19.18 -11.25
N ASP A 92 6.04 19.62 -11.49
CA ASP A 92 7.14 18.67 -11.60
C ASP A 92 7.48 18.00 -10.27
N GLU A 93 6.92 18.48 -9.19
CA GLU A 93 7.17 17.88 -7.91
C GLU A 93 6.19 16.75 -7.77
N ARG A 94 6.67 15.53 -7.61
CA ARG A 94 5.80 14.36 -7.68
C ARG A 94 5.95 13.41 -6.51
N ARG A 95 6.63 13.83 -5.44
CA ARG A 95 6.90 12.94 -4.27
C ARG A 95 5.61 12.68 -3.47
N LYS A 96 4.52 13.39 -3.77
CA LYS A 96 3.29 13.27 -3.00
C LYS A 96 2.18 12.57 -3.78
N TRP A 97 1.88 13.02 -5.00
CA TRP A 97 0.78 12.39 -5.73
C TRP A 97 1.15 11.03 -6.28
N ILE A 98 2.42 10.64 -6.25
CA ILE A 98 2.80 9.33 -6.75
C ILE A 98 2.45 8.22 -5.77
N GLN A 99 2.22 8.55 -4.50
CA GLN A 99 1.81 7.55 -3.52
C GLN A 99 0.39 7.06 -3.72
N CYS A 100 -0.38 7.73 -4.58
CA CYS A 100 -1.72 7.26 -4.91
C CYS A 100 -1.70 6.04 -5.82
N PHE A 101 -0.56 5.73 -6.43
CA PHE A 101 -0.42 4.60 -7.34
C PHE A 101 0.30 3.42 -6.71
N ASN A 102 0.11 3.20 -5.41
CA ASN A 102 0.73 2.08 -4.74
C ASN A 102 0.18 0.75 -5.25
N ASP A 103 -1.12 0.69 -5.54
CA ASP A 103 -1.81 -0.55 -5.79
C ASP A 103 -1.82 -0.96 -7.26
N VAL A 104 -1.18 -0.19 -8.13
CA VAL A 104 -1.13 -0.56 -9.54
C VAL A 104 -0.32 -1.85 -9.69
N THR A 105 -0.66 -2.65 -10.71
CA THR A 105 0.04 -3.90 -10.93
C THR A 105 1.46 -3.66 -11.41
N ALA A 106 1.65 -2.67 -12.29
CA ALA A 106 2.98 -2.36 -12.81
C ALA A 106 3.07 -0.88 -13.10
N ILE A 107 4.30 -0.39 -13.14
CA ILE A 107 4.62 0.98 -13.56
C ILE A 107 5.30 0.89 -14.91
N ILE A 108 4.79 1.63 -15.89
CA ILE A 108 5.31 1.63 -17.24
C ILE A 108 6.22 2.84 -17.38
N PHE A 109 7.52 2.63 -17.22
CA PHE A 109 8.51 3.69 -17.27
C PHE A 109 9.07 3.76 -18.68
N VAL A 110 8.93 4.92 -19.33
CA VAL A 110 9.38 5.12 -20.70
C VAL A 110 10.59 6.04 -20.68
N VAL A 111 11.63 5.66 -21.42
CA VAL A 111 12.89 6.39 -21.47
C VAL A 111 13.20 6.72 -22.93
N ASP A 112 13.71 7.92 -23.16
CA ASP A 112 14.25 8.31 -24.46
C ASP A 112 15.71 7.89 -24.47
N SER A 113 15.99 6.73 -25.09
CA SER A 113 17.35 6.21 -25.13
C SER A 113 18.29 7.03 -25.98
N SER A 114 17.76 7.83 -26.91
CA SER A 114 18.61 8.62 -27.80
C SER A 114 19.17 9.85 -27.11
N ASP A 115 18.48 10.36 -26.08
CA ASP A 115 18.91 11.57 -25.38
C ASP A 115 19.79 11.15 -24.21
N TYR A 116 21.10 11.26 -24.38
CA TYR A 116 22.02 10.90 -23.30
C TYR A 116 22.07 11.96 -22.21
N ASN A 117 21.87 13.23 -22.56
CA ASN A 117 21.98 14.29 -21.56
C ASN A 117 20.91 14.14 -20.47
N ARG A 118 19.70 13.78 -20.86
CA ARG A 118 18.62 13.56 -19.90
C ARG A 118 18.51 12.11 -19.47
N LEU A 119 19.39 11.23 -19.98
CA LEU A 119 19.30 9.82 -19.64
C LEU A 119 19.72 9.58 -18.19
N GLN A 120 20.66 10.38 -17.67
CA GLN A 120 20.97 10.30 -16.25
C GLN A 120 19.80 10.78 -15.40
N GLU A 121 19.06 11.78 -15.88
CA GLU A 121 17.84 12.20 -15.20
C GLU A 121 16.81 11.08 -15.18
N ALA A 122 16.68 10.37 -16.30
CA ALA A 122 15.77 9.23 -16.35
C ALA A 122 16.23 8.11 -15.41
N LEU A 123 17.55 7.90 -15.32
CA LEU A 123 18.08 6.90 -14.39
C LEU A 123 17.78 7.28 -12.95
N ASN A 124 17.92 8.56 -12.62
CA ASN A 124 17.62 9.03 -11.27
C ASN A 124 16.12 8.88 -10.96
N ASP A 125 15.26 9.18 -11.94
CA ASP A 125 13.83 8.99 -11.74
C ASP A 125 13.51 7.51 -11.52
N PHE A 126 14.13 6.63 -12.32
CA PHE A 126 13.94 5.19 -12.15
C PHE A 126 14.41 4.74 -10.78
N LYS A 127 15.54 5.25 -10.32
CA LYS A 127 16.05 4.89 -9.00
C LYS A 127 15.11 5.34 -7.89
N SER A 128 14.58 6.56 -8.00
CA SER A 128 13.65 7.06 -7.01
C SER A 128 12.37 6.22 -6.97
N ILE A 129 11.86 5.87 -8.16
CA ILE A 129 10.68 5.02 -8.22
C ILE A 129 10.96 3.64 -7.62
N TRP A 130 12.12 3.07 -7.96
CA TRP A 130 12.48 1.75 -7.49
C TRP A 130 12.61 1.70 -5.97
N ASN A 131 13.22 2.72 -5.38
CA ASN A 131 13.53 2.72 -3.96
C ASN A 131 12.49 3.43 -3.11
N ASN A 132 11.39 3.89 -3.70
CA ASN A 132 10.35 4.55 -2.93
C ASN A 132 9.67 3.56 -1.98
N ARG A 133 9.28 4.06 -0.81
CA ARG A 133 8.66 3.21 0.19
C ARG A 133 7.34 2.63 -0.29
N TRP A 134 6.58 3.39 -1.07
CA TRP A 134 5.27 2.98 -1.54
C TRP A 134 5.28 2.45 -2.97
N LEU A 135 6.44 2.41 -3.61
CA LEU A 135 6.57 1.88 -4.96
C LEU A 135 7.60 0.78 -5.06
N ARG A 136 8.15 0.31 -3.94
CA ARG A 136 9.15 -0.75 -3.95
C ARG A 136 8.53 -2.13 -4.18
N THR A 137 7.21 -2.25 -4.09
CA THR A 137 6.54 -3.51 -4.38
C THR A 137 6.11 -3.59 -5.85
N ILE A 138 5.87 -2.45 -6.49
CA ILE A 138 5.40 -2.42 -7.86
C ILE A 138 6.56 -2.73 -8.80
N SER A 139 6.32 -3.63 -9.75
CA SER A 139 7.32 -4.00 -10.73
C SER A 139 7.25 -3.07 -11.93
N VAL A 140 8.39 -2.54 -12.34
CA VAL A 140 8.45 -1.56 -13.41
C VAL A 140 8.61 -2.27 -14.74
N ILE A 141 7.80 -1.90 -15.71
CA ILE A 141 7.92 -2.39 -17.08
C ILE A 141 8.66 -1.29 -17.84
N LEU A 142 9.99 -1.41 -17.88
CA LEU A 142 10.82 -0.39 -18.51
C LEU A 142 10.71 -0.47 -20.02
N PHE A 143 10.47 0.68 -20.65
CA PHE A 143 10.37 0.77 -22.11
C PHE A 143 11.43 1.75 -22.60
N LEU A 144 12.50 1.22 -23.19
CA LEU A 144 13.58 2.04 -23.71
C LEU A 144 13.18 2.47 -25.12
N ASN A 145 12.50 3.61 -25.20
CA ASN A 145 11.90 4.09 -26.43
C ASN A 145 12.94 4.70 -27.35
N LYS A 146 12.50 5.06 -28.56
CA LYS A 146 13.33 5.73 -29.56
C LYS A 146 14.58 4.92 -29.89
N GLN A 147 14.40 3.61 -30.04
CA GLN A 147 15.53 2.74 -30.36
C GLN A 147 16.09 3.05 -31.75
N ASP A 148 15.22 3.42 -32.69
CA ASP A 148 15.69 3.79 -34.03
C ASP A 148 16.55 5.03 -33.98
N LEU A 149 16.12 6.05 -33.23
CA LEU A 149 16.93 7.27 -33.12
C LEU A 149 18.23 7.00 -32.37
N LEU A 150 18.19 6.14 -31.35
CA LEU A 150 19.42 5.76 -30.67
C LEU A 150 20.39 5.08 -31.63
N ALA A 151 19.88 4.16 -32.46
CA ALA A 151 20.73 3.48 -33.43
C ALA A 151 21.33 4.47 -34.42
N GLU A 152 20.52 5.42 -34.90
CA GLU A 152 21.03 6.41 -35.83
C GLU A 152 22.10 7.28 -35.18
N LYS A 153 21.89 7.68 -33.93
CA LYS A 153 22.88 8.50 -33.24
C LYS A 153 24.19 7.76 -33.03
N VAL A 154 24.12 6.50 -32.60
CA VAL A 154 25.34 5.72 -32.40
C VAL A 154 26.05 5.48 -33.73
N LEU A 155 25.29 5.18 -34.79
CA LEU A 155 25.91 4.95 -36.09
C LEU A 155 26.59 6.21 -36.62
N ALA A 156 25.95 7.37 -36.45
CA ALA A 156 26.57 8.62 -36.88
C ALA A 156 27.83 8.91 -36.07
N GLY A 157 27.76 8.71 -34.75
CA GLY A 157 28.93 8.84 -33.91
C GLY A 157 29.36 10.26 -33.60
N LYS A 158 28.62 11.27 -34.06
CA LYS A 158 28.98 12.65 -33.73
C LYS A 158 28.85 12.91 -32.23
N SER A 159 27.79 12.38 -31.62
CA SER A 159 27.62 12.46 -30.18
C SER A 159 28.07 11.14 -29.57
N LYS A 160 29.04 11.21 -28.66
CA LYS A 160 29.63 10.03 -28.06
C LYS A 160 29.03 9.78 -26.68
N ILE A 161 28.51 8.56 -26.47
CA ILE A 161 27.92 8.21 -25.20
C ILE A 161 28.97 8.12 -24.10
N GLU A 162 30.25 7.98 -24.45
CA GLU A 162 31.30 7.91 -23.44
C GLU A 162 31.43 9.22 -22.67
N ASP A 163 31.10 10.35 -23.29
CA ASP A 163 31.17 11.63 -22.59
C ASP A 163 30.19 11.67 -21.42
N TYR A 164 28.99 11.15 -21.61
CA TYR A 164 27.99 11.13 -20.55
C TYR A 164 28.17 9.94 -19.61
N PHE A 165 28.76 8.85 -20.10
CA PHE A 165 29.03 7.68 -19.28
C PHE A 165 30.42 7.17 -19.62
N PRO A 166 31.44 7.61 -18.87
CA PRO A 166 32.82 7.18 -19.19
C PRO A 166 33.05 5.69 -19.05
N GLU A 167 32.22 5.00 -18.27
CA GLU A 167 32.38 3.56 -18.09
C GLU A 167 31.84 2.75 -19.26
N PHE A 168 31.32 3.41 -20.29
CA PHE A 168 30.96 2.70 -21.51
C PHE A 168 32.17 2.22 -22.29
N ALA A 169 33.34 2.84 -22.08
CA ALA A 169 34.54 2.42 -22.80
C ALA A 169 34.94 1.00 -22.42
N ARG A 170 34.81 0.65 -21.14
CA ARG A 170 35.15 -0.68 -20.67
C ARG A 170 33.99 -1.67 -20.81
N TYR A 171 32.83 -1.23 -21.26
CA TYR A 171 31.67 -2.10 -21.37
C TYR A 171 31.80 -3.03 -22.57
N THR A 172 31.32 -4.26 -22.39
CA THR A 172 31.26 -5.24 -23.47
C THR A 172 29.87 -5.86 -23.50
N THR A 173 29.45 -6.24 -24.70
CA THR A 173 28.09 -6.76 -24.88
C THR A 173 27.91 -8.05 -24.10
N PRO A 174 26.81 -8.22 -23.38
CA PRO A 174 26.56 -9.49 -22.68
C PRO A 174 26.48 -10.65 -23.65
N GLU A 175 26.91 -11.83 -23.18
CA GLU A 175 26.99 -13.00 -24.04
C GLU A 175 25.61 -13.43 -24.54
N ASP A 176 24.61 -13.43 -23.65
CA ASP A 176 23.29 -13.89 -24.05
C ASP A 176 22.44 -12.80 -24.68
N ALA A 177 23.00 -11.60 -24.87
CA ALA A 177 22.29 -10.55 -25.59
C ALA A 177 21.93 -11.02 -26.99
N THR A 178 20.70 -10.72 -27.42
CA THR A 178 20.17 -11.16 -28.70
C THR A 178 19.94 -9.95 -29.59
N PRO A 179 20.91 -9.60 -30.42
CA PRO A 179 20.71 -8.47 -31.34
C PRO A 179 19.80 -8.84 -32.49
N GLU A 180 19.30 -7.80 -33.16
CA GLU A 180 18.52 -8.01 -34.37
C GLU A 180 19.42 -8.51 -35.50
N PRO A 181 18.86 -9.23 -36.48
CA PRO A 181 19.70 -9.75 -37.56
C PRO A 181 20.46 -8.68 -38.33
N GLY A 182 19.86 -7.52 -38.54
CA GLY A 182 20.53 -6.45 -39.26
C GLY A 182 21.07 -5.36 -38.36
N GLU A 183 21.24 -5.68 -37.07
CA GLU A 183 21.65 -4.70 -36.08
C GLU A 183 23.17 -4.64 -35.98
N ASP A 184 23.70 -3.41 -35.94
CA ASP A 184 25.14 -3.20 -35.86
C ASP A 184 25.64 -3.50 -34.45
N PRO A 185 26.84 -4.08 -34.34
CA PRO A 185 27.38 -4.39 -32.99
C PRO A 185 27.51 -3.17 -32.10
N ARG A 186 27.86 -2.01 -32.65
CA ARG A 186 27.96 -0.81 -31.82
C ARG A 186 26.60 -0.42 -31.26
N VAL A 187 25.55 -0.50 -32.08
CA VAL A 187 24.20 -0.21 -31.60
C VAL A 187 23.79 -1.21 -30.53
N THR A 188 24.10 -2.50 -30.75
CA THR A 188 23.78 -3.50 -29.75
C THR A 188 24.47 -3.19 -28.43
N ARG A 189 25.75 -2.84 -28.48
CA ARG A 189 26.50 -2.54 -27.28
C ARG A 189 25.92 -1.32 -26.56
N ALA A 190 25.59 -0.27 -27.30
CA ALA A 190 25.05 0.94 -26.67
C ALA A 190 23.70 0.68 -26.02
N LYS A 191 22.78 0.04 -26.75
CA LYS A 191 21.44 -0.19 -26.21
C LYS A 191 21.49 -1.14 -25.02
N TYR A 192 22.34 -2.17 -25.08
CA TYR A 192 22.44 -3.08 -23.95
C TYR A 192 23.17 -2.43 -22.78
N PHE A 193 24.06 -1.47 -23.06
CA PHE A 193 24.68 -0.71 -21.98
C PHE A 193 23.65 0.13 -21.24
N ILE A 194 22.75 0.77 -21.98
CA ILE A 194 21.69 1.55 -21.33
C ILE A 194 20.75 0.65 -20.55
N ARG A 195 20.37 -0.49 -21.14
CA ARG A 195 19.53 -1.45 -20.42
C ARG A 195 20.22 -1.94 -19.15
N ASP A 196 21.52 -2.21 -19.22
CA ASP A 196 22.25 -2.65 -18.04
C ASP A 196 22.38 -1.54 -17.01
N GLU A 197 22.47 -0.29 -17.47
CA GLU A 197 22.47 0.83 -16.54
C GLU A 197 21.19 0.87 -15.73
N PHE A 198 20.06 0.63 -16.39
CA PHE A 198 18.79 0.56 -15.64
C PHE A 198 18.72 -0.69 -14.77
N LEU A 199 19.21 -1.82 -15.27
CA LEU A 199 19.09 -3.07 -14.54
C LEU A 199 20.02 -3.12 -13.33
N ARG A 200 21.12 -2.38 -13.35
CA ARG A 200 21.97 -2.30 -12.18
C ARG A 200 21.23 -1.67 -11.00
N ILE A 201 20.52 -0.58 -11.26
CA ILE A 201 19.68 0.02 -10.22
C ILE A 201 18.55 -0.94 -9.85
N SER A 202 18.01 -1.65 -10.84
CA SER A 202 16.91 -2.56 -10.57
C SER A 202 17.32 -3.67 -9.60
N THR A 203 18.52 -4.22 -9.77
CA THR A 203 18.96 -5.36 -8.98
C THR A 203 19.83 -4.98 -7.78
N ALA A 204 20.25 -3.71 -7.66
CA ALA A 204 21.10 -3.33 -6.54
C ALA A 204 20.34 -3.37 -5.23
N SER A 205 19.16 -2.76 -5.18
CA SER A 205 18.38 -2.66 -3.96
C SER A 205 17.05 -3.39 -4.05
N GLY A 206 16.81 -4.14 -5.12
CA GLY A 206 15.59 -4.90 -5.25
C GLY A 206 15.45 -5.96 -4.18
N ASP A 207 14.30 -6.00 -3.50
CA ASP A 207 14.06 -6.96 -2.45
C ASP A 207 13.59 -8.31 -2.98
N GLY A 208 13.43 -8.45 -4.29
CA GLY A 208 12.91 -9.66 -4.88
C GLY A 208 11.40 -9.71 -5.00
N ARG A 209 10.69 -8.75 -4.42
CA ARG A 209 9.23 -8.69 -4.54
C ARG A 209 8.78 -7.97 -5.81
N HIS A 210 9.68 -7.25 -6.47
CA HIS A 210 9.37 -6.59 -7.72
C HIS A 210 10.56 -6.70 -8.67
N TYR A 211 10.27 -6.64 -9.96
CA TYR A 211 11.29 -6.86 -10.99
C TYR A 211 11.11 -5.83 -12.09
N CYS A 212 12.19 -5.59 -12.82
CA CYS A 212 12.17 -4.69 -13.97
C CYS A 212 12.16 -5.51 -15.24
N TYR A 213 11.31 -5.13 -16.18
CA TYR A 213 11.14 -5.84 -17.45
C TYR A 213 11.54 -4.90 -18.58
N PRO A 214 12.80 -4.93 -19.02
CA PRO A 214 13.24 -3.99 -20.05
C PRO A 214 12.85 -4.45 -21.44
N HIS A 215 12.36 -3.49 -22.23
CA HIS A 215 11.95 -3.78 -23.60
C HIS A 215 12.47 -2.70 -24.53
N PHE A 216 13.07 -3.08 -25.63
CA PHE A 216 13.59 -2.13 -26.62
C PHE A 216 12.45 -1.80 -27.57
N THR A 217 11.66 -0.81 -27.20
CA THR A 217 10.51 -0.39 -28.00
C THR A 217 10.89 0.79 -28.87
N CYS A 218 10.13 0.96 -29.95
CA CYS A 218 10.34 2.01 -30.92
C CYS A 218 9.10 2.89 -31.00
N SER A 219 9.17 3.90 -31.88
CA SER A 219 8.03 4.79 -32.07
C SER A 219 6.90 4.13 -32.85
N VAL A 220 7.22 3.11 -33.66
CA VAL A 220 6.23 2.43 -34.48
C VAL A 220 5.97 1.01 -34.02
N ASP A 221 6.37 0.67 -32.79
CA ASP A 221 6.17 -0.69 -32.28
C ASP A 221 4.71 -0.92 -31.97
N THR A 222 4.15 -2.01 -32.50
CA THR A 222 2.74 -2.33 -32.34
C THR A 222 2.50 -3.49 -31.39
N GLU A 223 3.53 -3.96 -30.68
CA GLU A 223 3.41 -5.10 -29.79
C GLU A 223 3.66 -4.72 -28.33
N ASN A 224 3.63 -3.42 -28.01
CA ASN A 224 3.85 -3.00 -26.63
C ASN A 224 2.70 -3.44 -25.74
N ALA A 225 1.48 -3.48 -26.28
CA ALA A 225 0.35 -3.97 -25.49
C ALA A 225 0.54 -5.44 -25.12
N ARG A 226 1.00 -6.25 -26.08
CA ARG A 226 1.27 -7.65 -25.79
C ARG A 226 2.44 -7.81 -24.82
N ARG A 227 3.45 -6.96 -24.94
CA ARG A 227 4.56 -6.99 -23.99
C ARG A 227 4.07 -6.68 -22.58
N ILE A 228 3.22 -5.67 -22.44
CA ILE A 228 2.67 -5.34 -21.12
C ILE A 228 1.80 -6.49 -20.61
N PHE A 229 1.02 -7.11 -21.50
CA PHE A 229 0.21 -8.25 -21.10
C PHE A 229 1.08 -9.38 -20.55
N ASN A 230 2.14 -9.74 -21.28
CA ASN A 230 3.02 -10.82 -20.83
C ASN A 230 3.73 -10.46 -19.54
N ASP A 231 4.18 -9.22 -19.42
CA ASP A 231 4.88 -8.83 -18.22
C ASP A 231 3.95 -8.84 -17.02
N CYS A 232 2.73 -8.33 -17.18
CA CYS A 232 1.76 -8.36 -16.09
C CYS A 232 1.39 -9.79 -15.74
N ARG A 233 1.29 -10.66 -16.74
CA ARG A 233 1.04 -12.07 -16.47
C ARG A 233 2.16 -12.67 -15.64
N ASP A 234 3.40 -12.33 -15.99
CA ASP A 234 4.55 -12.83 -15.23
C ASP A 234 4.57 -12.25 -13.82
N ILE A 235 4.23 -10.96 -13.68
CA ILE A 235 4.20 -10.32 -12.36
C ILE A 235 3.15 -10.98 -11.48
N ILE A 236 1.95 -11.18 -12.00
CA ILE A 236 0.88 -11.76 -11.22
C ILE A 236 1.17 -13.23 -10.91
N GLN A 237 1.77 -13.95 -11.86
CA GLN A 237 2.18 -15.33 -11.59
C GLN A 237 3.21 -15.40 -10.48
N ARG A 238 4.18 -14.49 -10.49
CA ARG A 238 5.20 -14.51 -9.45
C ARG A 238 4.60 -14.13 -8.10
N MET A 239 3.65 -13.19 -8.10
CA MET A 239 2.95 -12.86 -6.86
C MET A 239 2.17 -14.05 -6.33
N HIS A 240 1.52 -14.80 -7.23
CA HIS A 240 0.80 -16.01 -6.81
C HIS A 240 1.75 -17.06 -6.27
N LEU A 241 2.90 -17.25 -6.92
CA LEU A 241 3.89 -18.20 -6.43
C LEU A 241 4.42 -17.80 -5.07
N ARG A 242 4.70 -16.51 -4.87
CA ARG A 242 5.16 -16.04 -3.56
C ARG A 242 4.08 -16.22 -2.50
N GLN A 243 2.82 -15.96 -2.86
CA GLN A 243 1.72 -16.15 -1.93
C GLN A 243 1.56 -17.62 -1.56
N TYR A 244 1.85 -18.52 -2.49
CA TYR A 244 1.72 -19.95 -2.27
C TYR A 244 3.06 -20.60 -1.93
N GLU A 245 4.04 -19.81 -1.51
CA GLU A 245 5.33 -20.30 -1.04
C GLU A 245 6.06 -21.12 -2.10
N LEU A 246 5.82 -20.82 -3.37
CA LEU A 246 6.44 -21.53 -4.47
C LEU A 246 7.61 -20.77 -5.07
N LEU A 247 7.97 -19.63 -4.49
CA LEU A 247 8.98 -18.76 -5.07
C LEU A 247 9.51 -17.80 -4.02
N GLU B 8 19.50 46.49 -7.51
CA GLU B 8 18.11 46.53 -7.04
C GLU B 8 17.71 45.19 -6.42
N LEU B 9 18.01 44.10 -7.14
CA LEU B 9 17.71 42.77 -6.62
C LEU B 9 18.50 42.47 -5.36
N ASP B 10 19.78 42.82 -5.34
CA ASP B 10 20.61 42.57 -4.17
C ASP B 10 20.12 43.37 -2.96
N GLN B 11 19.69 44.61 -3.18
CA GLN B 11 19.17 45.42 -2.08
C GLN B 11 17.90 44.80 -1.50
N LEU B 12 17.00 44.31 -2.37
CA LEU B 12 15.79 43.67 -1.89
C LEU B 12 16.10 42.39 -1.13
N ARG B 13 17.06 41.60 -1.63
CA ARG B 13 17.44 40.37 -0.93
C ARG B 13 18.03 40.69 0.44
N GLN B 14 18.90 41.71 0.52
CA GLN B 14 19.48 42.09 1.80
C GLN B 14 18.42 42.60 2.77
N GLU B 15 17.47 43.39 2.28
CA GLU B 15 16.41 43.89 3.15
C GLU B 15 15.52 42.75 3.63
N ALA B 16 15.26 41.76 2.76
CA ALA B 16 14.50 40.58 3.19
C ALA B 16 15.27 39.79 4.25
N GLU B 17 16.58 39.67 4.08
CA GLU B 17 17.39 38.98 5.08
C GLU B 17 17.36 39.70 6.42
N GLN B 18 17.46 41.02 6.40
CA GLN B 18 17.41 41.76 7.66
C GLN B 18 16.01 41.71 8.28
N LEU B 19 14.97 41.65 7.45
CA LEU B 19 13.62 41.46 7.99
C LEU B 19 13.48 40.09 8.64
N LYS B 20 14.07 39.06 8.03
CA LYS B 20 14.06 37.74 8.65
C LYS B 20 14.81 37.76 9.98
N ASN B 21 15.95 38.45 10.02
CA ASN B 21 16.69 38.56 11.28
C ASN B 21 15.89 39.29 12.34
N GLN B 22 15.18 40.35 11.95
CA GLN B 22 14.35 41.08 12.91
C GLN B 22 13.21 40.22 13.43
N ILE B 23 12.59 39.43 12.55
CA ILE B 23 11.53 38.52 12.98
C ILE B 23 12.09 37.48 13.94
N ARG B 24 13.27 36.94 13.64
CA ARG B 24 13.89 35.97 14.53
C ARG B 24 14.18 36.60 15.90
N ASP B 25 14.67 37.84 15.90
CA ASP B 25 14.95 38.52 17.16
C ASP B 25 13.68 38.75 17.96
N ALA B 26 12.60 39.16 17.30
CA ALA B 26 11.33 39.37 17.99
C ALA B 26 10.80 38.06 18.57
N ARG B 27 10.91 36.97 17.82
CA ARG B 27 10.46 35.68 18.31
C ARG B 27 11.31 35.22 19.50
N LYS B 28 12.63 35.44 19.42
CA LYS B 28 13.51 35.08 20.54
C LYS B 28 13.16 35.90 21.78
N ALA B 29 12.88 37.19 21.61
CA ALA B 29 12.47 38.02 22.74
C ALA B 29 11.16 37.53 23.33
N CYS B 30 10.20 37.14 22.47
CA CYS B 30 8.94 36.61 22.96
C CYS B 30 9.10 35.26 23.64
N ALA B 31 10.15 34.50 23.31
CA ALA B 31 10.38 33.17 23.89
C ALA B 31 10.90 33.32 25.32
N ASP B 32 9.99 33.71 26.21
CA ASP B 32 10.35 33.82 27.62
C ASP B 32 10.59 32.44 28.24
N ALA B 33 9.69 31.50 27.98
CA ALA B 33 9.79 30.16 28.52
C ALA B 33 9.32 29.18 27.45
N THR B 34 9.11 27.92 27.86
CA THR B 34 8.66 26.88 26.95
C THR B 34 7.44 26.18 27.53
N LEU B 35 6.63 25.61 26.64
CA LEU B 35 5.41 24.92 27.05
C LEU B 35 5.73 23.73 27.94
N SER B 36 6.78 22.98 27.61
CA SER B 36 7.17 21.84 28.43
C SER B 36 7.58 22.28 29.83
N GLN B 37 8.34 23.38 29.91
CA GLN B 37 8.77 23.88 31.22
C GLN B 37 7.59 24.38 32.05
N ILE B 38 6.65 25.08 31.42
CA ILE B 38 5.51 25.61 32.15
C ILE B 38 4.59 24.49 32.61
N THR B 39 4.35 23.51 31.75
CA THR B 39 3.42 22.42 32.05
C THR B 39 4.09 21.25 32.76
N ASN B 40 5.25 21.47 33.37
CA ASN B 40 5.89 20.42 34.15
C ASN B 40 5.16 20.15 35.46
N ASN B 41 4.40 21.12 35.97
CA ASN B 41 3.71 20.95 37.24
C ASN B 41 2.46 20.08 37.11
N ILE B 42 1.74 20.21 35.99
CA ILE B 42 0.46 19.51 35.85
C ILE B 42 0.70 18.01 35.68
N ASP B 43 -0.27 17.22 36.13
CA ASP B 43 -0.17 15.77 36.09
C ASP B 43 -0.37 15.25 34.67
N PRO B 44 0.25 14.12 34.33
CA PRO B 44 -0.01 13.50 33.03
C PRO B 44 -1.43 12.94 32.96
N VAL B 45 -1.92 12.81 31.72
CA VAL B 45 -3.25 12.25 31.50
C VAL B 45 -3.31 10.75 31.73
N GLY B 46 -2.16 10.09 31.84
CA GLY B 46 -2.14 8.66 32.06
C GLY B 46 -2.24 7.87 30.77
N ARG B 47 -2.31 6.56 30.92
CA ARG B 47 -2.40 5.65 29.78
C ARG B 47 -3.77 5.81 29.12
N ILE B 48 -3.80 6.51 27.99
CA ILE B 48 -5.04 6.72 27.25
C ILE B 48 -5.20 5.55 26.29
N GLN B 49 -6.07 4.61 26.64
CA GLN B 49 -6.30 3.40 25.85
C GLN B 49 -7.73 3.40 25.34
N MET B 50 -7.89 3.28 24.03
CA MET B 50 -9.18 3.17 23.39
C MET B 50 -9.27 1.83 22.66
N ARG B 51 -10.49 1.48 22.27
CA ARG B 51 -10.76 0.23 21.59
C ARG B 51 -11.66 0.48 20.38
N THR B 52 -11.54 -0.40 19.38
CA THR B 52 -12.32 -0.28 18.16
C THR B 52 -13.78 -0.56 18.48
N ARG B 53 -14.60 0.48 18.56
CA ARG B 53 -16.04 0.30 18.89
C ARG B 53 -16.81 -0.04 17.61
N ARG B 54 -16.36 0.36 16.43
CA ARG B 54 -16.98 -0.02 15.17
C ARG B 54 -15.91 -0.16 14.11
N THR B 55 -16.07 -1.17 13.26
CA THR B 55 -15.23 -1.35 12.07
C THR B 55 -16.14 -1.21 10.86
N LEU B 56 -15.98 -0.11 10.13
CA LEU B 56 -16.88 0.24 9.04
C LEU B 56 -16.36 -0.41 7.76
N ARG B 57 -16.89 -1.60 7.45
CA ARG B 57 -16.48 -2.33 6.26
C ARG B 57 -17.42 -2.00 5.10
N GLY B 58 -16.86 -2.01 3.90
CA GLY B 58 -17.62 -1.64 2.72
C GLY B 58 -16.78 -0.92 1.68
N HIS B 59 -15.55 -0.59 2.02
CA HIS B 59 -14.60 -0.02 1.07
C HIS B 59 -13.71 -1.15 0.56
N LEU B 60 -13.57 -1.21 -0.76
CA LEU B 60 -12.83 -2.30 -1.39
C LEU B 60 -11.40 -1.93 -1.75
N ALA B 61 -10.97 -0.72 -1.40
CA ALA B 61 -9.61 -0.28 -1.69
C ALA B 61 -9.19 0.69 -0.59
N LYS B 62 -7.97 1.23 -0.72
CA LYS B 62 -7.42 2.08 0.32
C LYS B 62 -8.33 3.28 0.57
N ILE B 63 -8.60 3.55 1.84
CA ILE B 63 -9.34 4.74 2.23
C ILE B 63 -8.37 5.91 2.30
N TYR B 64 -8.62 6.94 1.52
CA TYR B 64 -7.71 8.08 1.45
C TYR B 64 -8.09 9.21 2.39
N ALA B 65 -9.37 9.41 2.68
CA ALA B 65 -9.78 10.52 3.53
C ALA B 65 -11.13 10.22 4.14
N MET B 66 -11.46 10.97 5.19
CA MET B 66 -12.77 10.93 5.81
C MET B 66 -13.07 12.29 6.41
N HIS B 67 -14.33 12.52 6.74
CA HIS B 67 -14.72 13.71 7.46
C HIS B 67 -16.00 13.41 8.23
N TRP B 68 -16.05 13.87 9.47
CA TRP B 68 -17.22 13.68 10.32
C TRP B 68 -18.31 14.68 9.96
N GLY B 69 -19.49 14.44 10.53
CA GLY B 69 -20.56 15.41 10.48
C GLY B 69 -20.60 16.25 11.75
N THR B 70 -21.26 17.40 11.64
CA THR B 70 -21.44 18.23 12.83
C THR B 70 -22.36 17.57 13.84
N ASP B 71 -23.27 16.72 13.37
CA ASP B 71 -24.14 15.95 14.27
C ASP B 71 -23.37 14.85 15.00
N SER B 72 -22.13 14.59 14.62
CA SER B 72 -21.25 13.61 15.27
C SER B 72 -21.75 12.19 15.12
N ARG B 73 -22.63 11.94 14.16
CA ARG B 73 -23.15 10.60 13.90
C ARG B 73 -22.86 10.13 12.49
N LEU B 74 -23.03 11.00 11.49
CA LEU B 74 -22.77 10.65 10.10
C LEU B 74 -21.36 11.10 9.73
N LEU B 75 -20.60 10.20 9.10
CA LEU B 75 -19.28 10.51 8.59
C LEU B 75 -19.18 10.03 7.16
N VAL B 76 -18.46 10.78 6.34
CA VAL B 76 -18.22 10.44 4.94
C VAL B 76 -16.80 9.94 4.82
N SER B 77 -16.60 8.96 3.92
CA SER B 77 -15.27 8.44 3.65
C SER B 77 -15.06 8.35 2.14
N ALA B 78 -13.82 8.55 1.72
CA ALA B 78 -13.42 8.43 0.33
C ALA B 78 -12.38 7.33 0.21
N SER B 79 -12.42 6.59 -0.89
CA SER B 79 -11.52 5.47 -1.06
C SER B 79 -11.08 5.37 -2.52
N GLN B 80 -10.04 4.54 -2.73
CA GLN B 80 -9.49 4.33 -4.07
C GLN B 80 -10.47 3.62 -4.99
N ASP B 81 -11.46 2.91 -4.44
CA ASP B 81 -12.43 2.21 -5.27
C ASP B 81 -13.36 3.15 -6.02
N GLY B 82 -13.36 4.43 -5.70
CA GLY B 82 -14.23 5.38 -6.37
C GLY B 82 -15.58 5.59 -5.73
N LYS B 83 -15.74 5.23 -4.46
CA LYS B 83 -17.00 5.36 -3.75
C LYS B 83 -16.86 6.37 -2.63
N LEU B 84 -17.85 7.26 -2.51
CA LEU B 84 -17.93 8.24 -1.43
C LEU B 84 -19.07 7.81 -0.52
N ILE B 85 -18.77 6.93 0.43
CA ILE B 85 -19.78 6.34 1.29
C ILE B 85 -20.02 7.25 2.49
N ILE B 86 -21.26 7.68 2.68
CA ILE B 86 -21.67 8.32 3.92
C ILE B 86 -22.17 7.23 4.85
N TRP B 87 -21.59 7.17 6.05
CA TRP B 87 -21.88 6.13 7.02
C TRP B 87 -22.75 6.68 8.14
N ASP B 88 -23.32 5.75 8.90
CA ASP B 88 -23.99 6.05 10.17
C ASP B 88 -23.22 5.27 11.24
N SER B 89 -22.27 5.94 11.89
CA SER B 89 -21.36 5.24 12.78
C SER B 89 -22.09 4.58 13.95
N TYR B 90 -23.22 5.14 14.36
CA TYR B 90 -23.97 4.58 15.50
C TYR B 90 -24.41 3.15 15.21
N THR B 91 -24.95 2.91 14.01
CA THR B 91 -25.51 1.62 13.65
C THR B 91 -24.75 0.92 12.52
N THR B 92 -23.65 1.51 12.05
CA THR B 92 -22.80 0.99 10.98
C THR B 92 -23.54 0.97 9.63
N ASN B 93 -24.79 1.42 9.60
CA ASN B 93 -25.53 1.46 8.34
C ASN B 93 -24.89 2.45 7.38
N LYS B 94 -24.90 2.11 6.10
CA LYS B 94 -24.44 3.01 5.04
C LYS B 94 -25.63 3.85 4.60
N VAL B 95 -25.60 5.15 4.91
CA VAL B 95 -26.68 6.03 4.51
C VAL B 95 -26.65 6.26 3.00
N HIS B 96 -25.46 6.45 2.44
CA HIS B 96 -25.31 6.71 1.01
C HIS B 96 -24.08 5.98 0.49
N ALA B 97 -23.95 5.94 -0.82
CA ALA B 97 -22.75 5.45 -1.49
C ALA B 97 -22.69 6.14 -2.84
N ILE B 98 -21.87 7.19 -2.93
CA ILE B 98 -21.83 8.07 -4.08
C ILE B 98 -20.75 7.56 -5.04
N PRO B 99 -21.10 7.21 -6.28
CA PRO B 99 -20.06 6.94 -7.27
C PRO B 99 -19.29 8.20 -7.61
N LEU B 100 -18.00 8.04 -7.87
CA LEU B 100 -17.11 9.15 -8.18
C LEU B 100 -16.61 9.03 -9.61
N ARG B 101 -16.51 10.16 -10.29
CA ARG B 101 -15.98 10.16 -11.65
C ARG B 101 -14.54 9.68 -11.68
N SER B 102 -13.72 10.18 -10.75
CA SER B 102 -12.32 9.79 -10.64
C SER B 102 -12.10 9.07 -9.33
N SER B 103 -11.41 7.93 -9.39
CA SER B 103 -11.12 7.14 -8.20
C SER B 103 -9.91 7.64 -7.44
N TRP B 104 -9.25 8.70 -7.92
CA TRP B 104 -8.03 9.22 -7.32
C TRP B 104 -8.31 10.35 -6.35
N VAL B 105 -9.44 10.30 -5.66
CA VAL B 105 -9.79 11.35 -4.71
C VAL B 105 -8.85 11.28 -3.52
N MET B 106 -8.35 12.45 -3.11
CA MET B 106 -7.46 12.55 -1.97
C MET B 106 -8.12 13.11 -0.73
N THR B 107 -9.27 13.77 -0.88
CA THR B 107 -9.92 14.42 0.25
C THR B 107 -11.43 14.34 0.08
N CYS B 108 -12.13 14.48 1.20
CA CYS B 108 -13.58 14.58 1.21
C CYS B 108 -13.99 15.46 2.37
N ALA B 109 -15.03 16.26 2.15
CA ALA B 109 -15.54 17.17 3.15
C ALA B 109 -17.05 17.01 3.27
N TYR B 110 -17.56 17.10 4.49
CA TYR B 110 -18.98 16.97 4.75
C TYR B 110 -19.45 18.29 5.34
N ALA B 111 -20.46 18.89 4.70
CA ALA B 111 -20.84 20.26 5.04
C ALA B 111 -21.35 20.34 6.48
N PRO B 112 -21.14 21.47 7.15
CA PRO B 112 -21.65 21.62 8.52
C PRO B 112 -23.16 21.50 8.62
N SER B 113 -23.88 21.91 7.59
CA SER B 113 -25.33 21.73 7.56
C SER B 113 -25.72 20.29 7.22
N GLY B 114 -24.80 19.51 6.65
CA GLY B 114 -25.08 18.14 6.27
C GLY B 114 -25.78 17.97 4.94
N ASN B 115 -26.16 19.07 4.28
CA ASN B 115 -26.87 18.98 3.02
C ASN B 115 -25.95 18.62 1.86
N TYR B 116 -24.68 18.99 1.94
CA TYR B 116 -23.73 18.78 0.85
C TYR B 116 -22.53 18.00 1.34
N VAL B 117 -21.91 17.26 0.42
CA VAL B 117 -20.66 16.58 0.66
C VAL B 117 -19.75 16.87 -0.53
N ALA B 118 -18.47 17.10 -0.25
CA ALA B 118 -17.51 17.46 -1.28
C ALA B 118 -16.40 16.42 -1.33
N CYS B 119 -15.73 16.36 -2.47
CA CYS B 119 -14.59 15.48 -2.64
C CYS B 119 -13.71 16.02 -3.75
N GLY B 120 -12.48 15.56 -3.80
CA GLY B 120 -11.55 15.99 -4.82
C GLY B 120 -10.27 15.19 -4.70
N GLY B 121 -9.41 15.37 -5.69
CA GLY B 121 -8.17 14.62 -5.72
C GLY B 121 -7.28 14.95 -6.90
N LEU B 122 -6.77 13.92 -7.55
CA LEU B 122 -5.84 14.10 -8.65
C LEU B 122 -6.49 14.73 -9.89
N ASP B 123 -7.81 14.84 -9.92
CA ASP B 123 -8.51 15.44 -11.04
C ASP B 123 -8.60 16.97 -10.94
N ASN B 124 -7.98 17.57 -9.94
CA ASN B 124 -7.89 19.02 -9.76
C ASN B 124 -9.23 19.68 -9.55
N ILE B 125 -10.27 18.91 -9.22
CA ILE B 125 -11.64 19.40 -9.18
C ILE B 125 -12.26 19.03 -7.84
N CYS B 126 -12.93 20.00 -7.22
CA CYS B 126 -13.74 19.76 -6.04
C CYS B 126 -15.19 19.61 -6.48
N SER B 127 -15.78 18.46 -6.19
CA SER B 127 -17.14 18.14 -6.62
C SER B 127 -18.07 18.21 -5.41
N ILE B 128 -19.09 19.04 -5.50
CA ILE B 128 -20.08 19.20 -4.45
C ILE B 128 -21.28 18.33 -4.77
N TYR B 129 -21.63 17.44 -3.84
CA TYR B 129 -22.75 16.52 -4.01
C TYR B 129 -23.88 16.92 -3.08
N ASN B 130 -25.10 16.96 -3.61
CA ASN B 130 -26.28 17.31 -2.83
C ASN B 130 -26.83 16.06 -2.16
N LEU B 131 -26.95 16.10 -0.83
CA LEU B 131 -27.47 14.97 -0.07
C LEU B 131 -28.95 15.10 0.24
N LYS B 132 -29.49 16.33 0.27
CA LYS B 132 -30.89 16.57 0.56
C LYS B 132 -31.72 16.80 -0.70
N THR B 133 -31.33 16.16 -1.80
CA THR B 133 -32.06 16.34 -3.06
C THR B 133 -33.49 15.81 -2.93
N ARG B 134 -34.42 16.49 -3.59
CA ARG B 134 -35.82 16.10 -3.52
C ARG B 134 -36.07 14.77 -4.26
N GLU B 135 -35.28 14.48 -5.28
CA GLU B 135 -35.46 13.24 -6.02
C GLU B 135 -34.95 12.01 -5.26
N GLY B 136 -34.11 12.20 -4.24
CA GLY B 136 -33.60 11.11 -3.45
C GLY B 136 -32.32 10.49 -3.96
N ASN B 137 -31.82 10.90 -5.12
CA ASN B 137 -30.59 10.38 -5.70
C ASN B 137 -29.54 11.49 -5.70
N VAL B 138 -28.40 11.23 -5.07
CA VAL B 138 -27.35 12.24 -4.95
C VAL B 138 -26.75 12.51 -6.32
N ARG B 139 -26.56 13.78 -6.64
CA ARG B 139 -26.03 14.19 -7.93
C ARG B 139 -25.00 15.29 -7.72
N VAL B 140 -24.13 15.47 -8.70
CA VAL B 140 -23.08 16.48 -8.62
C VAL B 140 -23.72 17.86 -8.73
N SER B 141 -23.85 18.54 -7.58
CA SER B 141 -24.42 19.88 -7.59
C SER B 141 -23.55 20.86 -8.34
N ARG B 142 -22.24 20.79 -8.14
CA ARG B 142 -21.33 21.78 -8.73
C ARG B 142 -19.94 21.17 -8.80
N GLU B 143 -19.24 21.42 -9.91
CA GLU B 143 -17.85 21.04 -10.08
C GLU B 143 -17.02 22.31 -10.09
N LEU B 144 -16.07 22.41 -9.16
CA LEU B 144 -15.24 23.60 -9.02
C LEU B 144 -13.91 23.36 -9.74
N ALA B 145 -13.62 24.22 -10.71
CA ALA B 145 -12.41 24.08 -11.51
C ALA B 145 -11.62 25.38 -11.46
N GLY B 146 -10.31 25.27 -11.61
CA GLY B 146 -9.43 26.41 -11.55
C GLY B 146 -8.09 26.10 -10.90
N HIS B 147 -8.06 25.03 -10.10
CA HIS B 147 -6.81 24.57 -9.52
C HIS B 147 -5.98 23.87 -10.58
N THR B 148 -4.70 24.21 -10.65
CA THR B 148 -3.80 23.62 -11.62
C THR B 148 -3.01 22.45 -11.06
N GLY B 149 -3.28 22.04 -9.82
CA GLY B 149 -2.66 20.87 -9.25
C GLY B 149 -3.69 20.05 -8.50
N TYR B 150 -3.28 18.84 -8.09
CA TYR B 150 -4.18 17.95 -7.39
C TYR B 150 -4.74 18.62 -6.14
N LEU B 151 -6.03 18.41 -5.89
CA LEU B 151 -6.71 19.03 -4.77
C LEU B 151 -6.55 18.13 -3.55
N SER B 152 -5.74 18.58 -2.59
CA SER B 152 -5.35 17.75 -1.47
C SER B 152 -6.25 17.88 -0.26
N CYS B 153 -6.96 19.00 -0.12
CA CYS B 153 -7.88 19.17 1.00
C CYS B 153 -8.96 20.16 0.62
N CYS B 154 -10.10 20.04 1.28
CA CYS B 154 -11.22 20.96 1.09
C CYS B 154 -12.02 21.00 2.38
N ARG B 155 -12.53 22.18 2.72
CA ARG B 155 -13.33 22.34 3.92
C ARG B 155 -14.47 23.32 3.64
N PHE B 156 -15.67 22.92 4.06
CA PHE B 156 -16.86 23.73 3.84
C PHE B 156 -16.89 24.90 4.81
N LEU B 157 -16.91 26.13 4.29
CA LEU B 157 -17.18 27.27 5.14
C LEU B 157 -18.65 27.31 5.53
N ASP B 158 -19.53 27.05 4.57
CA ASP B 158 -20.99 26.96 4.77
C ASP B 158 -21.54 26.30 3.51
N ASP B 159 -22.87 26.34 3.37
CA ASP B 159 -23.50 25.76 2.19
C ASP B 159 -23.08 26.45 0.90
N ASN B 160 -22.58 27.67 0.96
CA ASN B 160 -22.25 28.45 -0.22
C ASN B 160 -20.76 28.59 -0.47
N GLN B 161 -19.93 28.54 0.56
CA GLN B 161 -18.49 28.76 0.43
C GLN B 161 -17.73 27.51 0.83
N ILE B 162 -16.63 27.27 0.11
CA ILE B 162 -15.73 26.15 0.41
C ILE B 162 -14.29 26.64 0.23
N VAL B 163 -13.39 26.10 1.04
CA VAL B 163 -11.97 26.42 0.96
C VAL B 163 -11.23 25.14 0.58
N THR B 164 -10.49 25.20 -0.53
CA THR B 164 -9.75 24.05 -1.04
C THR B 164 -8.28 24.39 -1.17
N SER B 165 -7.43 23.44 -0.80
CA SER B 165 -5.99 23.53 -1.01
C SER B 165 -5.59 22.55 -2.09
N SER B 166 -4.58 22.94 -2.88
CA SER B 166 -4.21 22.15 -4.04
C SER B 166 -2.69 22.00 -4.09
N GLY B 167 -2.26 21.09 -4.97
CA GLY B 167 -0.86 20.86 -5.24
C GLY B 167 -0.21 21.89 -6.11
N ASP B 168 -0.93 22.95 -6.47
CA ASP B 168 -0.36 24.08 -7.21
C ASP B 168 0.12 25.19 -6.28
N THR B 169 0.41 24.85 -5.02
CA THR B 169 0.95 25.77 -4.01
C THR B 169 -0.02 26.90 -3.66
N THR B 170 -1.31 26.72 -3.94
CA THR B 170 -2.30 27.75 -3.65
C THR B 170 -3.49 27.16 -2.92
N CYS B 171 -4.10 27.97 -2.06
CA CYS B 171 -5.38 27.69 -1.46
C CYS B 171 -6.41 28.65 -2.04
N ALA B 172 -7.62 28.15 -2.29
CA ALA B 172 -8.65 28.95 -2.94
C ALA B 172 -9.92 28.93 -2.12
N LEU B 173 -10.62 30.06 -2.09
CA LEU B 173 -11.94 30.18 -1.51
C LEU B 173 -12.96 30.28 -2.64
N TRP B 174 -13.99 29.44 -2.58
CA TRP B 174 -14.93 29.30 -3.68
C TRP B 174 -16.32 29.78 -3.27
N ASP B 175 -17.07 30.24 -4.25
CA ASP B 175 -18.50 30.51 -4.11
C ASP B 175 -19.24 29.43 -4.89
N ILE B 176 -19.89 28.52 -4.17
CA ILE B 176 -20.37 27.29 -4.78
C ILE B 176 -21.49 27.57 -5.76
N GLU B 177 -22.40 28.49 -5.43
CA GLU B 177 -23.53 28.77 -6.30
C GLU B 177 -23.09 29.35 -7.64
N THR B 178 -21.93 30.00 -7.70
CA THR B 178 -21.39 30.53 -8.94
C THR B 178 -20.29 29.66 -9.52
N GLY B 179 -19.59 28.90 -8.70
CA GLY B 179 -18.49 28.07 -9.17
C GLY B 179 -17.28 28.86 -9.63
N GLN B 180 -16.93 29.91 -8.91
CA GLN B 180 -15.77 30.73 -9.24
C GLN B 180 -14.93 30.95 -7.99
N GLN B 181 -13.64 31.17 -8.19
CA GLN B 181 -12.71 31.40 -7.09
C GLN B 181 -12.92 32.81 -6.56
N THR B 182 -13.64 32.93 -5.44
CA THR B 182 -13.83 34.23 -4.81
C THR B 182 -12.50 34.83 -4.38
N THR B 183 -11.64 34.02 -3.79
CA THR B 183 -10.35 34.47 -3.29
C THR B 183 -9.30 33.39 -3.53
N THR B 184 -8.11 33.81 -3.95
CA THR B 184 -6.98 32.91 -4.13
C THR B 184 -5.89 33.29 -3.15
N PHE B 185 -5.39 32.30 -2.41
CA PHE B 185 -4.35 32.49 -1.41
C PHE B 185 -3.03 31.97 -1.96
N THR B 186 -2.02 32.83 -2.01
CA THR B 186 -0.73 32.49 -2.58
C THR B 186 0.38 32.85 -1.59
N GLY B 187 1.50 32.15 -1.74
CA GLY B 187 2.63 32.36 -0.84
C GLY B 187 3.37 31.09 -0.50
N HIS B 188 2.69 29.96 -0.56
CA HIS B 188 3.35 28.68 -0.38
C HIS B 188 4.22 28.36 -1.59
N THR B 189 5.40 27.80 -1.34
CA THR B 189 6.30 27.39 -2.40
C THR B 189 6.29 25.89 -2.64
N GLY B 190 5.43 25.16 -1.94
CA GLY B 190 5.32 23.73 -2.14
C GLY B 190 3.86 23.31 -2.19
N ASP B 191 3.65 22.04 -2.54
CA ASP B 191 2.30 21.50 -2.63
C ASP B 191 1.60 21.63 -1.30
N VAL B 192 0.52 22.41 -1.27
CA VAL B 192 -0.26 22.54 -0.04
C VAL B 192 -0.98 21.22 0.21
N MET B 193 -0.71 20.60 1.36
CA MET B 193 -1.13 19.24 1.61
C MET B 193 -2.40 19.14 2.43
N SER B 194 -2.67 20.11 3.30
CA SER B 194 -3.88 20.10 4.11
C SER B 194 -4.18 21.53 4.55
N LEU B 195 -5.43 21.73 4.95
CA LEU B 195 -5.85 23.00 5.52
C LEU B 195 -6.78 22.73 6.69
N SER B 196 -6.83 23.68 7.62
CA SER B 196 -7.69 23.57 8.79
C SER B 196 -8.36 24.91 9.04
N LEU B 197 -9.68 24.86 9.25
CA LEU B 197 -10.47 26.06 9.49
C LEU B 197 -10.51 26.38 10.97
N ALA B 198 -10.42 27.66 11.30
CA ALA B 198 -10.54 28.08 12.68
C ALA B 198 -11.99 27.94 13.14
N PRO B 199 -12.21 27.85 14.46
CA PRO B 199 -13.61 27.78 14.94
C PRO B 199 -14.47 28.94 14.48
N ASP B 200 -13.91 30.15 14.41
CA ASP B 200 -14.68 31.31 13.96
C ASP B 200 -14.74 31.41 12.44
N THR B 201 -14.05 30.54 11.71
CA THR B 201 -14.04 30.45 10.25
C THR B 201 -13.52 31.71 9.57
N ARG B 202 -12.96 32.65 10.33
CA ARG B 202 -12.37 33.85 9.74
C ARG B 202 -10.90 33.66 9.38
N LEU B 203 -10.27 32.59 9.85
CA LEU B 203 -8.88 32.29 9.54
C LEU B 203 -8.77 30.80 9.25
N PHE B 204 -7.74 30.43 8.49
CA PHE B 204 -7.44 29.03 8.26
C PHE B 204 -5.96 28.88 7.97
N VAL B 205 -5.38 27.79 8.46
CA VAL B 205 -3.98 27.50 8.25
C VAL B 205 -3.85 26.44 7.17
N SER B 206 -2.67 26.40 6.53
CA SER B 206 -2.39 25.42 5.50
C SER B 206 -0.99 24.88 5.70
N GLY B 207 -0.82 23.58 5.47
CA GLY B 207 0.48 22.96 5.56
C GLY B 207 0.96 22.44 4.23
N ALA B 208 2.08 22.97 3.75
CA ALA B 208 2.56 22.66 2.41
C ALA B 208 3.85 21.84 2.47
N CYS B 209 4.36 21.50 1.29
CA CYS B 209 5.58 20.72 1.15
C CYS B 209 6.83 21.59 1.19
N ASP B 210 6.73 22.80 1.72
CA ASP B 210 7.90 23.66 1.96
C ASP B 210 8.28 23.70 3.43
N ALA B 211 7.72 22.80 4.24
CA ALA B 211 7.97 22.72 5.68
C ALA B 211 7.56 24.00 6.40
N SER B 212 6.53 24.68 5.89
CA SER B 212 6.02 25.89 6.52
C SER B 212 4.50 25.84 6.55
N ALA B 213 3.92 26.53 7.53
CA ALA B 213 2.49 26.65 7.69
C ALA B 213 2.13 28.12 7.73
N LYS B 214 1.11 28.51 6.96
CA LYS B 214 0.74 29.90 6.81
C LYS B 214 -0.70 30.12 7.26
N LEU B 215 -0.96 31.20 8.02
CA LEU B 215 -2.30 31.59 8.45
C LEU B 215 -2.83 32.62 7.52
N TRP B 216 -3.98 32.39 6.91
CA TRP B 216 -4.61 33.28 5.96
C TRP B 216 -5.83 33.97 6.55
N ASP B 217 -6.16 35.12 6.01
CA ASP B 217 -7.41 35.82 6.32
C ASP B 217 -8.40 35.52 5.20
N VAL B 218 -9.53 34.91 5.57
CA VAL B 218 -10.49 34.48 4.56
C VAL B 218 -11.08 35.68 3.83
N ARG B 219 -11.42 36.74 4.57
CA ARG B 219 -12.09 37.89 3.95
C ARG B 219 -11.12 38.69 3.10
N GLU B 220 -9.90 38.93 3.61
CA GLU B 220 -8.97 39.81 2.93
C GLU B 220 -8.06 39.09 1.93
N GLY B 221 -7.98 37.76 2.00
CA GLY B 221 -7.13 37.04 1.09
C GLY B 221 -5.65 37.24 1.30
N MET B 222 -5.24 37.66 2.49
CA MET B 222 -3.86 37.94 2.82
C MET B 222 -3.37 36.98 3.90
N CYS B 223 -2.06 36.73 3.89
CA CYS B 223 -1.44 35.81 4.84
C CYS B 223 -0.95 36.58 6.06
N ARG B 224 -1.39 36.19 7.24
CA ARG B 224 -1.01 36.98 8.44
C ARG B 224 0.36 36.53 8.96
N GLN B 225 0.61 35.22 9.08
CA GLN B 225 1.86 34.75 9.64
C GLN B 225 2.33 33.51 8.89
N THR B 226 3.64 33.27 8.96
CA THR B 226 4.26 32.06 8.45
C THR B 226 4.97 31.36 9.60
N PHE B 227 4.70 30.07 9.77
CA PHE B 227 5.26 29.30 10.87
C PHE B 227 6.22 28.26 10.30
N THR B 228 7.46 28.29 10.76
CA THR B 228 8.49 27.38 10.31
C THR B 228 9.07 26.64 11.51
N GLY B 229 9.85 25.60 11.21
CA GLY B 229 10.42 24.77 12.24
C GLY B 229 10.42 23.31 11.85
N HIS B 230 9.44 22.92 11.04
CA HIS B 230 9.40 21.56 10.52
C HIS B 230 10.54 21.34 9.53
N GLU B 231 10.99 20.10 9.46
CA GLU B 231 12.16 19.75 8.66
C GLU B 231 11.80 19.26 7.27
N SER B 232 10.61 18.68 7.08
CA SER B 232 10.23 18.09 5.81
C SER B 232 8.80 18.52 5.48
N ASP B 233 8.24 17.91 4.45
CA ASP B 233 6.91 18.27 3.98
C ASP B 233 5.87 18.05 5.08
N ILE B 234 5.00 19.04 5.28
CA ILE B 234 3.93 18.93 6.25
C ILE B 234 2.74 18.23 5.61
N ASN B 235 2.27 17.16 6.25
CA ASN B 235 1.20 16.34 5.69
C ASN B 235 -0.16 16.64 6.28
N ALA B 236 -0.23 17.11 7.51
CA ALA B 236 -1.49 17.34 8.18
C ALA B 236 -1.41 18.62 9.01
N ILE B 237 -2.57 19.21 9.27
CA ILE B 237 -2.67 20.42 10.07
C ILE B 237 -4.05 20.44 10.70
N CYS B 238 -4.14 21.03 11.89
CA CYS B 238 -5.40 21.03 12.63
C CYS B 238 -5.36 22.13 13.68
N PHE B 239 -6.37 23.01 13.66
CA PHE B 239 -6.47 24.05 14.67
C PHE B 239 -6.74 23.46 16.06
N PHE B 240 -6.19 24.13 17.07
CA PHE B 240 -6.56 23.89 18.44
C PHE B 240 -8.02 24.30 18.67
N PRO B 241 -8.72 23.64 19.60
CA PRO B 241 -10.09 24.07 19.90
C PRO B 241 -10.20 25.51 20.34
N ASN B 242 -9.17 26.04 20.99
CA ASN B 242 -9.15 27.45 21.36
C ASN B 242 -9.16 28.36 20.14
N GLY B 243 -8.62 27.88 19.02
CA GLY B 243 -8.48 28.69 17.83
C GLY B 243 -7.24 29.55 17.79
N ASN B 244 -6.41 29.52 18.83
CA ASN B 244 -5.20 30.32 18.91
C ASN B 244 -3.93 29.50 18.74
N ALA B 245 -4.06 28.25 18.32
CA ALA B 245 -2.91 27.38 18.11
C ALA B 245 -3.31 26.29 17.13
N PHE B 246 -2.30 25.60 16.60
CA PHE B 246 -2.55 24.47 15.71
C PHE B 246 -1.36 23.52 15.77
N ALA B 247 -1.60 22.29 15.33
CA ALA B 247 -0.58 21.26 15.30
C ALA B 247 -0.40 20.74 13.88
N THR B 248 0.83 20.40 13.54
CA THR B 248 1.20 19.97 12.20
C THR B 248 1.98 18.67 12.28
N GLY B 249 1.68 17.75 11.37
CA GLY B 249 2.41 16.50 11.25
C GLY B 249 3.12 16.48 9.90
N SER B 250 4.37 16.02 9.90
CA SER B 250 5.21 16.13 8.72
C SER B 250 5.91 14.80 8.43
N ASP B 251 6.68 14.79 7.35
CA ASP B 251 7.43 13.61 6.92
C ASP B 251 8.66 13.36 7.77
N ASP B 252 9.09 14.32 8.58
CA ASP B 252 10.22 14.11 9.48
C ASP B 252 9.85 13.34 10.74
N ALA B 253 8.67 12.69 10.74
CA ALA B 253 8.21 11.88 11.87
C ALA B 253 8.10 12.71 13.14
N THR B 254 7.67 13.96 13.00
CA THR B 254 7.57 14.87 14.12
C THR B 254 6.29 15.69 14.03
N CYS B 255 5.58 15.81 15.13
CA CYS B 255 4.46 16.73 15.26
C CYS B 255 4.92 17.95 16.07
N ARG B 256 4.50 19.13 15.65
CA ARG B 256 4.86 20.37 16.32
C ARG B 256 3.62 21.23 16.50
N LEU B 257 3.56 21.93 17.62
CA LEU B 257 2.43 22.80 17.95
C LEU B 257 2.87 24.25 17.90
N PHE B 258 2.14 25.05 17.13
CA PHE B 258 2.44 26.47 16.94
C PHE B 258 1.34 27.32 17.57
N ASP B 259 1.72 28.48 18.09
CA ASP B 259 0.79 29.42 18.68
C ASP B 259 0.67 30.63 17.76
N LEU B 260 -0.54 31.02 17.40
CA LEU B 260 -0.73 32.10 16.48
C LEU B 260 -0.26 33.41 17.09
N ARG B 261 -0.57 33.70 18.33
CA ARG B 261 -0.17 34.98 18.92
C ARG B 261 1.32 35.02 19.23
N ALA B 262 1.90 33.91 19.67
CA ALA B 262 3.33 33.87 19.93
C ALA B 262 4.16 33.83 18.65
N ASP B 263 3.54 33.52 17.52
CA ASP B 263 4.17 33.54 16.19
C ASP B 263 5.33 32.55 16.07
N GLN B 264 5.36 31.52 16.93
CA GLN B 264 6.37 30.49 16.82
C GLN B 264 5.87 29.24 17.53
N GLU B 265 6.55 28.12 17.28
CA GLU B 265 6.12 26.84 17.84
C GLU B 265 6.30 26.83 19.35
N LEU B 266 5.45 26.05 20.01
CA LEU B 266 5.51 25.88 21.45
C LEU B 266 6.18 24.57 21.87
N MET B 267 5.70 23.45 21.34
CA MET B 267 6.22 22.14 21.75
C MET B 267 6.34 21.25 20.52
N THR B 268 7.21 20.25 20.62
CA THR B 268 7.45 19.29 19.56
C THR B 268 7.16 17.88 20.07
N TYR B 269 6.58 17.05 19.21
CA TYR B 269 6.16 15.69 19.55
C TYR B 269 6.94 14.71 18.68
N SER B 270 8.07 14.22 19.20
CA SER B 270 8.92 13.32 18.45
C SER B 270 9.62 12.37 19.40
N HIS B 271 10.07 11.25 18.86
CA HIS B 271 10.82 10.25 19.62
C HIS B 271 11.86 9.62 18.69
N ASP B 272 12.89 9.04 19.32
CA ASP B 272 13.99 8.47 18.54
C ASP B 272 13.52 7.28 17.70
N ASN B 273 12.64 6.45 18.25
CA ASN B 273 12.17 5.26 17.55
C ASN B 273 11.12 5.54 16.53
N ILE B 274 10.58 6.75 16.55
CA ILE B 274 9.58 7.15 15.56
C ILE B 274 10.31 7.73 14.36
N ILE B 275 10.38 6.95 13.28
CA ILE B 275 11.02 7.36 12.05
C ILE B 275 10.06 7.40 10.88
N CYS B 276 8.77 7.22 11.13
CA CYS B 276 7.74 7.24 10.10
C CYS B 276 6.96 8.53 10.20
N GLY B 277 6.70 9.16 9.06
CA GLY B 277 6.05 10.45 9.06
C GLY B 277 4.60 10.37 9.48
N ILE B 278 4.05 11.52 9.83
CA ILE B 278 2.65 11.63 10.24
C ILE B 278 1.81 11.91 9.01
N THR B 279 0.73 11.15 8.84
CA THR B 279 -0.19 11.36 7.74
C THR B 279 -1.41 12.18 8.11
N SER B 280 -1.78 12.19 9.39
CA SER B 280 -2.98 12.88 9.85
C SER B 280 -2.81 13.30 11.30
N VAL B 281 -3.28 14.49 11.63
CA VAL B 281 -3.30 14.97 13.00
C VAL B 281 -4.71 15.43 13.32
N SER B 282 -5.05 15.38 14.61
CA SER B 282 -6.33 15.86 15.07
C SER B 282 -6.27 16.06 16.58
N PHE B 283 -7.12 16.94 17.08
CA PHE B 283 -7.18 17.25 18.49
C PHE B 283 -8.47 16.70 19.09
N SER B 284 -8.43 16.41 20.39
CA SER B 284 -9.64 16.04 21.10
C SER B 284 -10.47 17.29 21.38
N LYS B 285 -11.59 17.11 22.09
CA LYS B 285 -12.49 18.24 22.33
C LYS B 285 -11.83 19.31 23.19
N SER B 286 -11.09 18.90 24.21
CA SER B 286 -10.41 19.85 25.08
C SER B 286 -9.07 20.32 24.52
N GLY B 287 -8.55 19.65 23.49
CA GLY B 287 -7.24 19.95 22.97
C GLY B 287 -6.10 19.35 23.75
N ARG B 288 -6.38 18.62 24.82
CA ARG B 288 -5.31 18.01 25.62
C ARG B 288 -4.64 16.86 24.88
N LEU B 289 -5.38 16.13 24.06
CA LEU B 289 -4.84 15.01 23.30
C LEU B 289 -4.67 15.41 21.85
N LEU B 290 -3.48 15.17 21.32
CA LEU B 290 -3.20 15.31 19.90
C LEU B 290 -3.01 13.92 19.33
N LEU B 291 -3.90 13.52 18.42
CA LEU B 291 -3.86 12.20 17.80
C LEU B 291 -3.18 12.32 16.45
N ALA B 292 -2.16 11.50 16.22
CA ALA B 292 -1.37 11.54 15.00
C ALA B 292 -1.38 10.17 14.34
N GLY B 293 -1.67 10.13 13.04
CA GLY B 293 -1.63 8.90 12.28
C GLY B 293 -0.34 8.82 11.48
N TYR B 294 0.35 7.71 11.60
CA TYR B 294 1.67 7.54 11.02
C TYR B 294 1.63 6.53 9.87
N ASP B 295 2.70 6.54 9.09
CA ASP B 295 2.92 5.53 8.06
C ASP B 295 3.30 4.18 8.64
N ASP B 296 3.60 4.12 9.94
CA ASP B 296 4.02 2.91 10.62
C ASP B 296 2.83 2.05 11.04
N PHE B 297 1.67 2.22 10.39
CA PHE B 297 0.46 1.43 10.55
C PHE B 297 -0.28 1.74 11.83
N ASN B 298 0.23 2.62 12.67
CA ASN B 298 -0.33 2.88 13.99
C ASN B 298 -0.59 4.36 14.17
N CYS B 299 -1.38 4.72 15.19
CA CYS B 299 -1.64 6.10 15.53
C CYS B 299 -1.24 6.26 16.97
N ASN B 300 -0.63 7.34 17.39
CA ASN B 300 -0.19 7.63 18.74
C ASN B 300 -0.98 8.81 19.30
N VAL B 301 -1.53 8.62 20.50
CA VAL B 301 -2.23 9.68 21.20
C VAL B 301 -1.22 10.45 22.03
N TRP B 302 -0.89 11.67 21.60
CA TRP B 302 0.10 12.49 22.28
C TRP B 302 -0.57 13.34 23.36
N ASP B 303 0.22 13.71 24.36
CA ASP B 303 -0.21 14.67 25.37
C ASP B 303 0.21 16.05 24.89
N ALA B 304 -0.76 16.83 24.40
CA ALA B 304 -0.44 18.09 23.73
C ALA B 304 0.23 19.08 24.66
N LEU B 305 0.06 18.95 25.97
CA LEU B 305 0.70 19.84 26.92
C LEU B 305 2.01 19.30 27.48
N LYS B 306 2.30 18.02 27.28
CA LYS B 306 3.53 17.42 27.82
C LYS B 306 4.34 16.64 26.80
N ALA B 307 3.82 16.39 25.59
CA ALA B 307 4.53 15.71 24.52
C ALA B 307 4.98 14.30 24.91
N ASP B 308 4.22 13.64 25.78
CA ASP B 308 4.47 12.26 26.16
C ASP B 308 3.38 11.39 25.55
N ARG B 309 3.78 10.34 24.84
CA ARG B 309 2.80 9.43 24.23
C ARG B 309 1.94 8.76 25.29
N ALA B 310 0.67 9.13 25.34
CA ALA B 310 -0.27 8.63 26.33
C ALA B 310 -1.01 7.38 25.86
N GLY B 311 -0.82 6.96 24.61
CA GLY B 311 -1.52 5.79 24.12
C GLY B 311 -1.19 5.54 22.68
N VAL B 312 -1.66 4.40 22.18
CA VAL B 312 -1.44 3.97 20.81
C VAL B 312 -2.75 3.42 20.26
N LEU B 313 -3.14 3.76 19.06
CA LEU B 313 -4.32 3.22 18.44
C LEU B 313 -3.89 2.17 17.48
N ALA B 314 -3.35 1.08 17.99
CA ALA B 314 -3.00 -0.09 17.20
C ALA B 314 -4.27 -0.84 16.77
N GLY B 315 -4.22 -1.41 15.57
CA GLY B 315 -5.37 -2.13 15.07
C GLY B 315 -5.60 -2.02 13.58
N HIS B 316 -4.82 -1.18 12.90
CA HIS B 316 -4.93 -1.02 11.46
C HIS B 316 -3.83 -1.82 10.77
N ASP B 317 -4.22 -2.55 9.72
CA ASP B 317 -3.31 -3.48 9.05
C ASP B 317 -2.45 -2.81 8.00
N ASN B 318 -2.72 -1.56 7.64
CA ASN B 318 -1.93 -0.85 6.64
C ASN B 318 -1.75 0.60 7.09
N ARG B 319 -1.28 1.43 6.18
CA ARG B 319 -1.00 2.83 6.50
C ARG B 319 -2.27 3.57 6.89
N VAL B 320 -2.19 4.32 7.98
CA VAL B 320 -3.30 5.15 8.41
C VAL B 320 -3.27 6.45 7.62
N SER B 321 -4.30 6.67 6.80
CA SER B 321 -4.34 7.80 5.88
C SER B 321 -5.13 8.98 6.42
N CYS B 322 -6.16 8.74 7.23
CA CYS B 322 -7.05 9.79 7.68
C CYS B 322 -7.42 9.55 9.14
N LEU B 323 -7.79 10.63 9.81
CA LEU B 323 -8.04 10.59 11.24
C LEU B 323 -8.86 11.82 11.62
N GLY B 324 -10.02 11.61 12.21
CA GLY B 324 -10.88 12.71 12.59
C GLY B 324 -11.57 12.45 13.90
N VAL B 325 -11.86 13.54 14.62
CA VAL B 325 -12.54 13.49 15.91
C VAL B 325 -13.87 14.21 15.77
N THR B 326 -14.91 13.65 16.37
CA THR B 326 -16.25 14.22 16.26
C THR B 326 -16.30 15.60 16.90
N ASP B 327 -17.28 16.39 16.48
CA ASP B 327 -17.43 17.74 17.00
C ASP B 327 -17.80 17.76 18.47
N ASP B 328 -18.39 16.68 19.00
CA ASP B 328 -18.64 16.55 20.42
C ASP B 328 -17.54 15.78 21.13
N GLY B 329 -16.48 15.40 20.42
CA GLY B 329 -15.36 14.70 21.04
C GLY B 329 -15.67 13.33 21.55
N MET B 330 -16.78 12.74 21.12
CA MET B 330 -17.20 11.45 21.67
C MET B 330 -16.41 10.29 21.09
N ALA B 331 -15.99 10.38 19.83
CA ALA B 331 -15.31 9.27 19.18
C ALA B 331 -14.22 9.79 18.26
N VAL B 332 -13.34 8.88 17.87
CA VAL B 332 -12.28 9.14 16.91
C VAL B 332 -12.37 8.08 15.83
N ALA B 333 -12.39 8.51 14.57
CA ALA B 333 -12.44 7.60 13.43
C ALA B 333 -11.12 7.67 12.68
N THR B 334 -10.53 6.50 12.43
CA THR B 334 -9.27 6.40 11.70
C THR B 334 -9.49 5.48 10.50
N GLY B 335 -9.30 6.02 9.31
CA GLY B 335 -9.27 5.20 8.13
C GLY B 335 -7.87 4.70 7.84
N SER B 336 -7.78 3.73 6.93
CA SER B 336 -6.49 3.12 6.65
C SER B 336 -6.47 2.60 5.24
N TRP B 337 -5.26 2.30 4.75
CA TRP B 337 -5.08 1.72 3.44
C TRP B 337 -5.54 0.27 3.35
N ASP B 338 -5.84 -0.35 4.48
CA ASP B 338 -6.39 -1.71 4.49
C ASP B 338 -7.87 -1.76 4.16
N SER B 339 -8.44 -0.66 3.65
CA SER B 339 -9.82 -0.55 3.21
C SER B 339 -10.81 -0.64 4.37
N PHE B 340 -10.37 -0.42 5.60
CA PHE B 340 -11.25 -0.46 6.76
C PHE B 340 -11.16 0.85 7.52
N LEU B 341 -12.32 1.34 7.97
CA LEU B 341 -12.41 2.55 8.77
C LEU B 341 -12.94 2.16 10.14
N LYS B 342 -12.21 2.52 11.18
CA LYS B 342 -12.51 2.09 12.54
C LYS B 342 -12.95 3.28 13.39
N ILE B 343 -13.90 3.05 14.28
CA ILE B 343 -14.34 4.05 15.25
C ILE B 343 -13.74 3.68 16.59
N TRP B 344 -13.11 4.65 17.25
CA TRP B 344 -12.44 4.43 18.52
C TRP B 344 -13.07 5.27 19.60
N ASN B 345 -13.07 4.76 20.83
CA ASN B 345 -13.67 5.45 21.95
C ASN B 345 -13.13 4.92 23.27
N THR C 6 12.18 40.49 -15.15
CA THR C 6 11.96 41.17 -13.86
C THR C 6 11.20 40.28 -12.89
N ALA C 7 11.13 38.98 -13.20
CA ALA C 7 10.44 38.04 -12.33
C ALA C 7 11.14 37.93 -10.98
N SER C 8 12.48 37.87 -10.99
CA SER C 8 13.22 37.71 -9.74
C SER C 8 13.03 38.91 -8.82
N ILE C 9 13.14 40.12 -9.38
CA ILE C 9 12.98 41.32 -8.55
C ILE C 9 11.54 41.46 -8.09
N ALA C 10 10.57 41.08 -8.91
CA ALA C 10 9.18 41.13 -8.50
C ALA C 10 8.89 40.18 -7.34
N GLN C 11 9.42 38.95 -7.43
CA GLN C 11 9.25 38.00 -6.33
C GLN C 11 9.97 38.47 -5.08
N ALA C 12 11.15 39.08 -5.24
CA ALA C 12 11.85 39.63 -4.09
C ALA C 12 11.06 40.76 -3.44
N ARG C 13 10.45 41.62 -4.25
CA ARG C 13 9.63 42.70 -3.71
C ARG C 13 8.42 42.16 -2.96
N LYS C 14 7.75 41.14 -3.54
CA LYS C 14 6.62 40.54 -2.85
C LYS C 14 7.05 39.89 -1.54
N LEU C 15 8.20 39.20 -1.54
CA LEU C 15 8.71 38.60 -0.31
C LEU C 15 9.03 39.66 0.72
N VAL C 16 9.62 40.78 0.30
CA VAL C 16 9.93 41.88 1.22
C VAL C 16 8.66 42.43 1.84
N GLU C 17 7.65 42.68 1.02
CA GLU C 17 6.39 43.22 1.54
C GLU C 17 5.74 42.24 2.51
N GLN C 18 5.71 40.95 2.16
CA GLN C 18 5.11 39.95 3.04
C GLN C 18 5.87 39.85 4.35
N LEU C 19 7.21 39.87 4.29
CA LEU C 19 8.01 39.77 5.49
C LEU C 19 7.83 40.98 6.40
N LYS C 20 7.76 42.18 5.82
CA LYS C 20 7.53 43.37 6.63
C LYS C 20 6.14 43.33 7.27
N MET C 21 5.13 42.90 6.50
CA MET C 21 3.78 42.82 7.02
C MET C 21 3.66 41.78 8.13
N GLU C 22 4.44 40.69 8.03
CA GLU C 22 4.48 39.71 9.12
C GLU C 22 5.30 40.21 10.31
N ALA C 23 6.26 41.09 10.07
CA ALA C 23 7.11 41.58 11.16
C ALA C 23 6.39 42.62 12.00
N ASN C 24 5.58 43.48 11.38
CA ASN C 24 5.01 44.61 12.12
C ASN C 24 3.95 44.19 13.13
N ILE C 25 3.52 42.94 13.14
CA ILE C 25 2.44 42.49 14.02
C ILE C 25 2.91 42.48 15.47
N ASP C 26 1.97 42.37 16.40
CA ASP C 26 2.27 42.30 17.82
C ASP C 26 2.23 40.86 18.30
N ARG C 27 3.27 40.45 19.02
CA ARG C 27 3.39 39.09 19.53
C ARG C 27 3.43 39.12 21.05
N ILE C 28 2.62 38.27 21.68
CA ILE C 28 2.60 38.15 23.13
C ILE C 28 3.68 37.16 23.55
N LYS C 29 3.99 37.13 24.84
CA LYS C 29 5.03 36.25 25.34
C LYS C 29 4.60 34.79 25.24
N VAL C 30 5.58 33.92 24.99
CA VAL C 30 5.32 32.49 24.89
C VAL C 30 4.83 31.94 26.22
N SER C 31 5.29 32.52 27.34
CA SER C 31 4.74 32.14 28.63
C SER C 31 3.25 32.41 28.70
N LYS C 32 2.82 33.59 28.21
CA LYS C 32 1.40 33.91 28.20
C LYS C 32 0.63 32.97 27.29
N ALA C 33 1.19 32.66 26.10
CA ALA C 33 0.51 31.76 25.18
C ALA C 33 0.34 30.37 25.77
N ALA C 34 1.40 29.84 26.38
CA ALA C 34 1.33 28.52 27.00
C ALA C 34 0.37 28.52 28.18
N ALA C 35 0.36 29.60 28.97
CA ALA C 35 -0.58 29.68 30.08
C ALA C 35 -2.02 29.68 29.58
N ASP C 36 -2.29 30.43 28.51
CA ASP C 36 -3.65 30.44 27.94
C ASP C 36 -4.03 29.06 27.43
N LEU C 37 -3.11 28.38 26.73
CA LEU C 37 -3.41 27.06 26.19
C LEU C 37 -3.69 26.06 27.31
N MET C 38 -2.87 26.07 28.35
CA MET C 38 -3.05 25.17 29.48
C MET C 38 -4.34 25.49 30.23
N ALA C 39 -4.66 26.77 30.37
CA ALA C 39 -5.91 27.14 31.04
C ALA C 39 -7.13 26.66 30.24
N TYR C 40 -7.07 26.77 28.91
CA TYR C 40 -8.17 26.25 28.09
C TYR C 40 -8.30 24.74 28.25
N CYS C 41 -7.18 24.02 28.22
CA CYS C 41 -7.23 22.57 28.38
C CYS C 41 -7.80 22.19 29.74
N GLU C 42 -7.40 22.90 30.80
CA GLU C 42 -7.95 22.65 32.12
C GLU C 42 -9.45 22.95 32.17
N ALA C 43 -9.88 24.04 31.54
CA ALA C 43 -11.29 24.43 31.59
C ALA C 43 -12.17 23.43 30.87
N HIS C 44 -11.73 22.93 29.71
CA HIS C 44 -12.55 22.03 28.91
C HIS C 44 -12.21 20.56 29.15
N ALA C 45 -11.45 20.24 30.19
CA ALA C 45 -11.09 18.85 30.46
C ALA C 45 -12.30 18.01 30.79
N LYS C 46 -13.23 18.55 31.59
CA LYS C 46 -14.40 17.77 32.01
C LYS C 46 -15.34 17.45 30.85
N GLU C 47 -15.29 18.23 29.78
CA GLU C 47 -16.18 18.01 28.64
C GLU C 47 -15.58 17.11 27.58
N ASP C 48 -14.39 16.54 27.82
CA ASP C 48 -13.72 15.72 26.83
C ASP C 48 -14.00 14.25 27.14
N PRO C 49 -14.78 13.55 26.32
CA PRO C 49 -15.00 12.12 26.58
C PRO C 49 -13.74 11.27 26.49
N LEU C 50 -12.78 11.67 25.65
CA LEU C 50 -11.56 10.87 25.50
C LEU C 50 -10.72 10.91 26.78
N LEU C 51 -10.62 12.08 27.41
CA LEU C 51 -9.89 12.17 28.67
C LEU C 51 -10.63 11.45 29.78
N THR C 52 -11.93 11.71 29.92
CA THR C 52 -12.72 11.15 31.01
C THR C 52 -13.61 10.04 30.49
N PRO C 53 -13.36 8.78 30.85
CA PRO C 53 -14.21 7.69 30.37
C PRO C 53 -15.66 7.90 30.79
N VAL C 54 -16.57 7.56 29.88
CA VAL C 54 -18.00 7.76 30.09
C VAL C 54 -18.65 6.42 30.39
N PRO C 55 -19.81 6.39 31.04
CA PRO C 55 -20.50 5.13 31.27
C PRO C 55 -20.88 4.46 29.95
N ALA C 56 -20.89 3.12 29.97
CA ALA C 56 -21.19 2.36 28.75
C ALA C 56 -22.58 2.67 28.22
N SER C 57 -23.48 3.19 29.04
CA SER C 57 -24.79 3.62 28.55
C SER C 57 -24.70 4.95 27.83
N GLU C 58 -23.79 5.82 28.25
CA GLU C 58 -23.74 7.17 27.69
C GLU C 58 -23.16 7.18 26.28
N ASN C 59 -22.08 6.44 26.05
CA ASN C 59 -21.43 6.51 24.74
C ASN C 59 -22.27 5.77 23.70
N PRO C 60 -22.56 6.38 22.56
CA PRO C 60 -23.40 5.73 21.55
C PRO C 60 -22.71 4.62 20.78
N PHE C 61 -21.40 4.42 20.98
CA PHE C 61 -20.65 3.41 20.25
C PHE C 61 -20.39 2.16 21.09
N ARG C 62 -21.19 1.94 22.12
CA ARG C 62 -21.05 0.76 22.97
C ARG C 62 -21.35 -0.52 22.20
N GLN D 2 13.91 27.16 10.63
CA GLN D 2 13.70 27.21 9.18
C GLN D 2 14.79 26.45 8.44
N VAL D 3 14.38 25.60 7.51
CA VAL D 3 15.33 24.81 6.72
C VAL D 3 16.09 25.77 5.80
N GLN D 4 17.37 25.95 6.06
CA GLN D 4 18.20 26.87 5.31
C GLN D 4 19.49 26.17 4.91
N LEU D 5 19.92 26.37 3.67
CA LEU D 5 21.15 25.78 3.13
C LEU D 5 21.93 26.88 2.43
N GLN D 6 22.96 27.40 3.11
CA GLN D 6 23.77 28.49 2.56
C GLN D 6 25.00 27.92 1.88
N GLU D 7 25.20 28.27 0.62
CA GLU D 7 26.34 27.81 -0.17
C GLU D 7 27.43 28.88 -0.15
N SER D 8 28.66 28.45 0.07
CA SER D 8 29.81 29.34 0.10
C SER D 8 30.89 28.78 -0.81
N GLY D 9 31.76 29.67 -1.27
CA GLY D 9 32.84 29.29 -2.17
C GLY D 9 32.41 29.33 -3.63
N GLY D 10 33.39 29.19 -4.49
CA GLY D 10 33.12 29.23 -5.91
C GLY D 10 33.21 30.62 -6.49
N GLY D 11 33.60 30.69 -7.76
CA GLY D 11 33.78 31.98 -8.41
C GLY D 11 34.57 31.83 -9.69
N LEU D 12 35.25 32.90 -10.07
CA LEU D 12 36.07 32.87 -11.27
C LEU D 12 37.26 31.94 -11.08
N VAL D 13 37.57 31.17 -12.13
CA VAL D 13 38.67 30.22 -12.08
C VAL D 13 39.11 29.93 -13.51
N GLN D 14 40.41 29.74 -13.69
CA GLN D 14 40.93 29.35 -14.98
C GLN D 14 40.58 27.90 -15.29
N PRO D 15 40.50 27.52 -16.57
CA PRO D 15 40.24 26.12 -16.90
C PRO D 15 41.34 25.22 -16.36
N GLY D 16 40.94 24.04 -15.90
CA GLY D 16 41.86 23.13 -15.25
C GLY D 16 42.13 23.44 -13.79
N GLY D 17 41.51 24.47 -13.24
CA GLY D 17 41.73 24.86 -11.87
C GLY D 17 40.97 23.99 -10.89
N SER D 18 40.92 24.45 -9.65
CA SER D 18 40.25 23.73 -8.57
C SER D 18 39.39 24.69 -7.76
N LEU D 19 38.15 24.29 -7.50
CA LEU D 19 37.24 25.00 -6.61
C LEU D 19 36.64 24.01 -5.62
N ARG D 20 36.39 24.48 -4.41
CA ARG D 20 35.80 23.66 -3.36
C ARG D 20 34.56 24.36 -2.83
N LEU D 21 33.39 23.91 -3.27
CA LEU D 21 32.13 24.46 -2.81
C LEU D 21 31.78 23.89 -1.44
N SER D 22 31.23 24.74 -0.59
CA SER D 22 30.82 24.33 0.75
C SER D 22 29.39 24.81 0.99
N CYS D 23 28.57 23.92 1.57
CA CYS D 23 27.18 24.21 1.87
C CYS D 23 26.96 24.03 3.37
N ALA D 24 26.42 25.06 4.01
CA ALA D 24 26.14 25.04 5.45
C ALA D 24 24.66 24.77 5.65
N ALA D 25 24.35 23.76 6.46
CA ALA D 25 22.97 23.36 6.72
C ALA D 25 22.48 23.97 8.03
N SER D 26 21.19 24.27 8.06
CA SER D 26 20.56 24.80 9.26
C SER D 26 19.11 24.33 9.32
N GLY D 27 18.60 24.20 10.54
CA GLY D 27 17.21 23.88 10.74
C GLY D 27 16.84 22.42 10.62
N PHE D 28 17.80 21.54 10.35
CA PHE D 28 17.51 20.12 10.24
C PHE D 28 18.75 19.32 10.60
N THR D 29 18.53 18.05 10.93
CA THR D 29 19.63 17.13 11.25
C THR D 29 20.30 16.71 9.95
N PHE D 30 21.58 17.07 9.81
CA PHE D 30 22.31 16.77 8.57
C PHE D 30 22.47 15.26 8.36
N SER D 31 22.57 14.49 9.44
CA SER D 31 22.87 13.07 9.34
C SER D 31 21.69 12.23 8.88
N ASN D 32 20.46 12.74 9.01
CA ASN D 32 19.28 11.94 8.66
C ASN D 32 18.91 12.01 7.19
N TYR D 33 19.48 12.93 6.43
CA TYR D 33 19.06 13.16 5.05
C TYR D 33 20.22 12.93 4.10
N LYS D 34 19.88 12.48 2.89
CA LYS D 34 20.84 12.50 1.79
C LYS D 34 21.05 13.92 1.32
N MET D 35 22.21 14.17 0.72
CA MET D 35 22.53 15.47 0.15
C MET D 35 22.95 15.29 -1.30
N ASN D 36 22.58 16.26 -2.13
CA ASN D 36 22.90 16.26 -3.55
C ASN D 36 23.62 17.55 -3.89
N TRP D 37 24.16 17.59 -5.11
CA TRP D 37 24.68 18.81 -5.70
C TRP D 37 23.98 18.98 -7.05
N VAL D 38 23.31 20.11 -7.22
CA VAL D 38 22.53 20.39 -8.42
C VAL D 38 23.04 21.68 -9.02
N ARG D 39 23.28 21.67 -10.33
CA ARG D 39 23.78 22.83 -11.04
C ARG D 39 22.85 23.18 -12.19
N GLN D 40 22.82 24.47 -12.53
CA GLN D 40 21.97 24.99 -13.60
C GLN D 40 22.84 25.82 -14.53
N ALA D 41 23.22 25.25 -15.66
CA ALA D 41 23.99 26.00 -16.65
C ALA D 41 23.13 27.12 -17.24
N PRO D 42 23.74 28.23 -17.62
CA PRO D 42 22.97 29.32 -18.25
C PRO D 42 22.24 28.81 -19.48
N GLY D 43 20.95 29.16 -19.57
CA GLY D 43 20.13 28.70 -20.67
C GLY D 43 19.73 27.24 -20.62
N LYS D 44 19.98 26.56 -19.50
CA LYS D 44 19.68 25.15 -19.37
C LYS D 44 18.99 24.90 -18.04
N GLY D 45 18.26 23.78 -17.99
CA GLY D 45 17.58 23.40 -16.77
C GLY D 45 18.52 22.83 -15.74
N LEU D 46 17.97 22.52 -14.57
CA LEU D 46 18.77 21.99 -13.48
C LEU D 46 19.27 20.59 -13.81
N GLU D 47 20.47 20.27 -13.36
CA GLU D 47 21.09 18.98 -13.59
C GLU D 47 21.67 18.46 -12.28
N TRP D 48 21.45 17.18 -12.01
CA TRP D 48 21.98 16.55 -10.82
C TRP D 48 23.44 16.19 -11.02
N VAL D 49 24.31 16.68 -10.14
CA VAL D 49 25.76 16.52 -10.32
C VAL D 49 26.25 15.31 -9.54
N SER D 50 26.04 15.31 -8.23
CA SER D 50 26.62 14.28 -7.37
C SER D 50 25.58 13.88 -6.32
N ASP D 51 25.98 12.97 -5.45
CA ASP D 51 25.11 12.46 -4.40
C ASP D 51 25.96 11.88 -3.29
N ILE D 52 25.35 11.74 -2.11
CA ILE D 52 26.01 11.13 -0.96
C ILE D 52 24.93 10.67 0.00
N SER D 53 25.17 9.52 0.64
CA SER D 53 24.18 8.96 1.55
C SER D 53 24.27 9.65 2.90
N GLN D 54 23.57 9.11 3.90
CA GLN D 54 23.58 9.69 5.24
C GLN D 54 24.97 9.59 5.86
N SER D 55 25.55 8.40 5.85
CA SER D 55 26.89 8.22 6.40
C SER D 55 27.97 8.73 5.47
N GLY D 56 27.78 8.56 4.16
CA GLY D 56 28.77 8.92 3.17
C GLY D 56 29.44 7.74 2.51
N ALA D 57 29.09 6.51 2.90
CA ALA D 57 29.69 5.33 2.27
C ALA D 57 29.35 5.23 0.80
N SER D 58 28.10 5.54 0.44
CA SER D 58 27.63 5.45 -0.93
C SER D 58 27.67 6.83 -1.56
N ILE D 59 28.46 6.98 -2.63
CA ILE D 59 28.60 8.23 -3.35
C ILE D 59 28.32 7.96 -4.82
N SER D 60 27.49 8.82 -5.43
CA SER D 60 27.11 8.70 -6.82
C SER D 60 27.50 9.98 -7.56
N TYR D 61 27.82 9.83 -8.83
CA TYR D 61 28.29 10.96 -9.63
C TYR D 61 27.62 10.93 -10.99
N THR D 62 27.48 12.10 -11.58
CA THR D 62 27.16 12.17 -13.00
C THR D 62 28.40 11.78 -13.81
N GLY D 63 28.17 11.11 -14.94
CA GLY D 63 29.28 10.60 -15.72
C GLY D 63 30.24 11.67 -16.19
N SER D 64 29.74 12.87 -16.45
CA SER D 64 30.60 13.96 -16.91
C SER D 64 31.61 14.35 -15.83
N VAL D 65 31.17 14.39 -14.58
CA VAL D 65 32.03 14.84 -13.49
C VAL D 65 32.68 13.67 -12.76
N LYS D 66 32.68 12.49 -13.36
CA LYS D 66 33.27 11.31 -12.73
C LYS D 66 34.79 11.41 -12.76
N GLY D 67 35.40 11.28 -11.58
CA GLY D 67 36.85 11.37 -11.46
C GLY D 67 37.39 12.76 -11.27
N ARG D 68 36.55 13.79 -11.37
CA ARG D 68 36.98 15.18 -11.20
C ARG D 68 36.41 15.83 -9.96
N PHE D 69 35.13 15.62 -9.67
CA PHE D 69 34.50 16.18 -8.47
C PHE D 69 34.48 15.12 -7.37
N THR D 70 34.63 15.59 -6.14
CA THR D 70 34.61 14.71 -4.97
C THR D 70 33.66 15.30 -3.93
N ILE D 71 32.52 14.64 -3.73
CA ILE D 71 31.55 15.10 -2.75
C ILE D 71 31.99 14.64 -1.36
N SER D 72 32.01 15.58 -0.42
CA SER D 72 32.45 15.30 0.94
C SER D 72 31.39 15.80 1.91
N ARG D 73 31.02 14.95 2.86
CA ARG D 73 30.04 15.29 3.88
C ARG D 73 30.73 15.33 5.24
N ASP D 74 30.47 16.40 6.00
CA ASP D 74 30.96 16.53 7.37
C ASP D 74 29.76 16.61 8.28
N ASN D 75 29.37 15.45 8.84
CA ASN D 75 28.16 15.40 9.66
C ASN D 75 28.29 16.25 10.91
N ALA D 76 29.46 16.23 11.54
CA ALA D 76 29.67 17.02 12.75
C ALA D 76 29.58 18.51 12.45
N LYS D 77 30.12 18.94 11.31
CA LYS D 77 30.12 20.34 10.93
C LYS D 77 28.90 20.76 10.13
N ASN D 78 28.02 19.80 9.79
CA ASN D 78 26.82 20.08 9.00
C ASN D 78 27.16 20.76 7.68
N THR D 79 28.26 20.33 7.06
CA THR D 79 28.74 20.96 5.83
C THR D 79 28.90 19.90 4.74
N LEU D 80 28.47 20.25 3.54
CA LEU D 80 28.61 19.38 2.37
C LEU D 80 29.56 20.05 1.38
N TYR D 81 30.58 19.31 0.96
CA TYR D 81 31.61 19.84 0.07
C TYR D 81 31.55 19.17 -1.29
N LEU D 82 32.05 19.88 -2.29
CA LEU D 82 32.20 19.35 -3.65
C LEU D 82 33.59 19.79 -4.14
N GLN D 83 34.58 18.93 -3.92
CA GLN D 83 35.95 19.22 -4.33
C GLN D 83 36.03 19.09 -5.84
N MET D 84 35.94 20.22 -6.54
CA MET D 84 35.94 20.24 -7.99
C MET D 84 37.37 20.38 -8.50
N ASN D 85 37.85 19.38 -9.23
CA ASN D 85 39.21 19.35 -9.75
C ASN D 85 39.18 19.38 -11.27
N SER D 86 40.18 20.04 -11.86
CA SER D 86 40.34 20.13 -13.30
C SER D 86 39.06 20.64 -13.97
N LEU D 87 38.67 21.85 -13.58
CA LEU D 87 37.47 22.47 -14.12
C LEU D 87 37.64 22.78 -15.60
N LYS D 88 36.52 22.80 -16.32
CA LYS D 88 36.46 23.10 -17.73
C LYS D 88 35.33 24.07 -17.99
N PRO D 89 35.37 24.79 -19.11
CA PRO D 89 34.31 25.79 -19.38
C PRO D 89 32.91 25.23 -19.43
N GLU D 90 32.75 23.92 -19.64
CA GLU D 90 31.43 23.31 -19.61
C GLU D 90 30.83 23.25 -18.20
N ASP D 91 31.63 23.53 -17.18
CA ASP D 91 31.19 23.47 -15.78
C ASP D 91 30.64 24.80 -15.27
N THR D 92 30.53 25.81 -16.13
CA THR D 92 30.06 27.08 -15.61
C THR D 92 28.59 26.97 -15.38
N ALA D 93 28.20 27.06 -14.13
CA ALA D 93 26.80 26.96 -13.72
C ALA D 93 26.67 27.47 -12.30
N VAL D 94 25.42 27.69 -11.89
CA VAL D 94 25.10 27.99 -10.50
C VAL D 94 24.88 26.67 -9.78
N TYR D 95 25.61 26.45 -8.69
CA TYR D 95 25.59 25.18 -7.98
C TYR D 95 24.76 25.28 -6.72
N TYR D 96 23.80 24.36 -6.58
CA TYR D 96 22.89 24.32 -5.44
C TYR D 96 23.14 23.05 -4.65
N CYS D 97 23.29 23.18 -3.34
CA CYS D 97 23.26 22.01 -2.46
C CYS D 97 21.80 21.71 -2.14
N ALA D 98 21.36 20.50 -2.45
CA ALA D 98 19.96 20.13 -2.34
C ALA D 98 19.80 19.02 -1.33
N ARG D 99 18.76 19.13 -0.51
CA ARG D 99 18.48 18.17 0.56
C ARG D 99 17.28 17.34 0.16
N CYS D 100 17.41 16.02 0.28
CA CYS D 100 16.32 15.14 -0.11
C CYS D 100 15.12 15.33 0.82
N PRO D 101 13.91 15.22 0.29
CA PRO D 101 12.73 15.68 1.05
C PRO D 101 12.51 14.96 2.38
N ALA D 102 12.82 13.67 2.46
CA ALA D 102 12.45 12.93 3.65
C ALA D 102 13.67 12.26 4.27
N PRO D 103 13.71 12.13 5.60
CA PRO D 103 14.83 11.46 6.24
C PRO D 103 14.68 9.95 6.20
N PHE D 104 15.83 9.27 6.36
CA PHE D 104 15.88 7.81 6.40
C PHE D 104 15.34 7.18 5.12
N THR D 105 15.49 7.87 3.99
CA THR D 105 15.02 7.37 2.71
C THR D 105 16.13 7.46 1.68
N ARG D 106 16.18 6.45 0.81
CA ARG D 106 17.21 6.37 -0.23
C ARG D 106 16.67 6.73 -1.61
N ASP D 107 15.50 7.36 -1.67
CA ASP D 107 14.95 7.92 -2.89
C ASP D 107 14.87 9.43 -2.75
N CYS D 108 15.13 10.15 -3.86
CA CYS D 108 15.19 11.61 -3.84
C CYS D 108 14.46 12.10 -5.09
N PHE D 109 13.17 12.41 -4.93
CA PHE D 109 12.31 12.62 -6.09
C PHE D 109 12.50 13.99 -6.72
N ASP D 110 12.19 15.05 -5.99
CA ASP D 110 12.06 16.38 -6.57
C ASP D 110 13.27 17.26 -6.31
N VAL D 111 14.46 16.67 -6.25
CA VAL D 111 15.68 17.42 -5.97
C VAL D 111 15.97 18.41 -7.09
N THR D 112 15.78 18.00 -8.34
CA THR D 112 16.06 18.85 -9.50
C THR D 112 14.82 19.63 -9.96
N SER D 113 13.84 19.81 -9.09
CA SER D 113 12.63 20.53 -9.47
C SER D 113 12.92 22.02 -9.62
N THR D 114 12.04 22.69 -10.37
CA THR D 114 12.21 24.12 -10.61
C THR D 114 12.08 24.92 -9.33
N THR D 115 11.09 24.60 -8.50
CA THR D 115 10.88 25.34 -7.25
C THR D 115 10.97 24.41 -6.06
N TYR D 116 11.97 23.54 -6.02
CA TYR D 116 12.18 22.68 -4.87
C TYR D 116 12.46 23.52 -3.63
N ALA D 117 11.82 23.15 -2.52
CA ALA D 117 11.87 23.96 -1.32
C ALA D 117 13.19 23.84 -0.58
N TYR D 118 13.87 22.69 -0.69
CA TYR D 118 15.04 22.40 0.14
C TYR D 118 16.35 22.53 -0.63
N ARG D 119 16.47 23.50 -1.52
CA ARG D 119 17.76 23.89 -2.06
C ARG D 119 18.22 25.20 -1.42
N GLY D 120 19.43 25.61 -1.78
CA GLY D 120 19.97 26.88 -1.36
C GLY D 120 19.88 27.92 -2.47
N GLN D 121 20.38 29.12 -2.15
CA GLN D 121 20.42 30.19 -3.14
C GLN D 121 21.38 29.85 -4.28
N GLY D 122 22.51 29.24 -3.97
CA GLY D 122 23.45 28.80 -4.98
C GLY D 122 24.59 29.77 -5.17
N THR D 123 25.73 29.25 -5.62
CA THR D 123 26.92 30.04 -5.91
C THR D 123 27.25 29.95 -7.39
N GLN D 124 27.48 31.10 -8.02
CA GLN D 124 27.91 31.11 -9.40
C GLN D 124 29.35 30.60 -9.51
N VAL D 125 29.57 29.65 -10.40
CA VAL D 125 30.89 29.13 -10.71
C VAL D 125 31.18 29.44 -12.17
N THR D 126 32.21 30.26 -12.41
CA THR D 126 32.58 30.68 -13.76
C THR D 126 33.98 30.19 -14.05
N VAL D 127 34.16 29.57 -15.21
CA VAL D 127 35.44 29.02 -15.63
C VAL D 127 35.90 29.79 -16.85
N SER D 128 37.05 30.45 -16.73
CA SER D 128 37.59 31.26 -17.82
C SER D 128 39.07 31.53 -17.63
N VAL E 178 -1.91 -53.21 27.10
CA VAL E 178 -1.29 -52.13 26.29
C VAL E 178 -2.22 -51.78 25.13
N ARG E 179 -3.26 -52.60 24.92
CA ARG E 179 -4.26 -52.26 23.87
C ARG E 179 -4.92 -50.96 24.30
N ALA E 180 -5.22 -50.82 25.59
CA ALA E 180 -5.78 -49.55 26.09
C ALA E 180 -4.77 -48.43 25.80
N SER E 181 -3.48 -48.74 25.89
CA SER E 181 -2.43 -47.72 25.60
C SER E 181 -2.50 -47.30 24.14
N LEU E 182 -2.75 -48.25 23.22
CA LEU E 182 -2.92 -47.88 21.80
C LEU E 182 -3.99 -46.79 21.72
N TYR E 183 -5.15 -47.03 22.35
CA TYR E 183 -6.26 -46.06 22.29
C TYR E 183 -5.70 -44.64 22.37
N SER E 184 -4.80 -44.39 23.32
CA SER E 184 -4.29 -43.05 23.49
C SER E 184 -3.79 -42.47 22.17
N LEU E 185 -3.07 -43.28 21.39
CA LEU E 185 -2.54 -42.79 20.12
C LEU E 185 -3.65 -42.42 19.15
N MET E 186 -4.64 -43.30 18.98
CA MET E 186 -5.73 -42.98 18.05
C MET E 186 -6.60 -41.84 18.55
N VAL E 187 -6.80 -41.73 19.86
CA VAL E 187 -7.54 -40.58 20.39
C VAL E 187 -6.77 -39.29 20.13
N LEU E 188 -5.44 -39.33 20.26
CA LEU E 188 -4.63 -38.15 19.93
C LEU E 188 -4.80 -37.77 18.48
N ILE E 189 -4.82 -38.76 17.58
CA ILE E 189 -5.05 -38.48 16.16
C ILE E 189 -6.41 -37.81 15.96
N ILE E 190 -7.44 -38.35 16.60
CA ILE E 190 -8.79 -37.81 16.43
C ILE E 190 -8.87 -36.38 16.91
N LEU E 191 -8.32 -36.11 18.11
CA LEU E 191 -8.37 -34.76 18.65
C LEU E 191 -7.56 -33.79 17.81
N THR E 192 -6.41 -34.22 17.30
CA THR E 192 -5.62 -33.34 16.44
C THR E 192 -6.39 -32.98 15.17
N THR E 193 -7.01 -33.98 14.54
CA THR E 193 -7.82 -33.73 13.36
C THR E 193 -8.93 -32.72 13.68
N LEU E 194 -9.65 -32.96 14.77
CA LEU E 194 -10.78 -32.11 15.12
C LEU E 194 -10.34 -30.67 15.39
N VAL E 195 -9.26 -30.50 16.15
CA VAL E 195 -8.86 -29.15 16.53
C VAL E 195 -8.31 -28.39 15.33
N GLY E 196 -7.52 -29.04 14.48
CA GLY E 196 -7.02 -28.36 13.30
C GLY E 196 -8.13 -27.94 12.36
N ASN E 197 -9.07 -28.86 12.08
CA ASN E 197 -10.15 -28.53 11.17
C ASN E 197 -11.06 -27.46 11.77
N LEU E 198 -11.32 -27.52 13.07
CA LEU E 198 -12.13 -26.51 13.72
C LEU E 198 -11.47 -25.14 13.65
N ILE E 199 -10.15 -25.09 13.86
CA ILE E 199 -9.44 -23.82 13.76
C ILE E 199 -9.59 -23.24 12.37
N VAL E 200 -9.38 -24.07 11.34
CA VAL E 200 -9.51 -23.58 9.97
C VAL E 200 -10.91 -23.06 9.71
N ILE E 201 -11.93 -23.82 10.13
CA ILE E 201 -13.32 -23.44 9.89
C ILE E 201 -13.63 -22.11 10.56
N VAL E 202 -13.29 -21.98 11.85
CA VAL E 202 -13.66 -20.78 12.59
C VAL E 202 -12.93 -19.57 12.04
N SER E 203 -11.65 -19.71 11.72
CA SER E 203 -10.90 -18.58 11.18
C SER E 203 -11.49 -18.11 9.86
N ILE E 204 -11.73 -19.05 8.94
CA ILE E 204 -12.24 -18.66 7.62
C ILE E 204 -13.63 -18.06 7.74
N SER E 205 -14.48 -18.66 8.56
CA SER E 205 -15.87 -18.19 8.66
C SER E 205 -15.95 -16.87 9.43
N HIS E 206 -14.94 -16.56 10.23
CA HIS E 206 -15.02 -15.36 11.07
C HIS E 206 -14.39 -14.15 10.42
N PHE E 207 -13.18 -14.30 9.86
CA PHE E 207 -12.30 -13.14 9.71
C PHE E 207 -12.83 -12.09 8.75
N LYS E 208 -13.73 -12.45 7.84
CA LYS E 208 -14.36 -11.52 6.90
C LYS E 208 -13.37 -11.04 5.84
N GLN E 209 -12.10 -11.38 6.00
CA GLN E 209 -11.07 -11.13 4.99
C GLN E 209 -10.61 -12.41 4.32
N LEU E 210 -11.14 -13.56 4.74
CA LEU E 210 -10.79 -14.86 4.18
C LEU E 210 -11.96 -15.50 3.44
N HIS E 211 -12.85 -14.69 2.86
CA HIS E 211 -13.94 -15.19 2.05
C HIS E 211 -13.60 -15.24 0.57
N THR E 212 -12.33 -15.44 0.24
CA THR E 212 -11.96 -15.73 -1.13
C THR E 212 -12.40 -17.13 -1.50
N PRO E 213 -12.69 -17.37 -2.79
CA PRO E 213 -13.12 -18.72 -3.20
C PRO E 213 -12.13 -19.83 -2.88
N THR E 214 -10.83 -19.55 -2.93
CA THR E 214 -9.85 -20.54 -2.51
C THR E 214 -10.01 -20.90 -1.04
N ASN E 215 -10.19 -19.88 -0.20
CA ASN E 215 -10.41 -20.14 1.22
C ASN E 215 -11.73 -20.85 1.45
N TRP E 216 -12.72 -20.64 0.57
CA TRP E 216 -13.96 -21.39 0.68
C TRP E 216 -13.75 -22.86 0.36
N LEU E 217 -12.93 -23.17 -0.65
CA LEU E 217 -12.58 -24.56 -0.92
C LEU E 217 -11.87 -25.18 0.28
N ILE E 218 -10.92 -24.44 0.88
CA ILE E 218 -10.21 -24.96 2.03
C ILE E 218 -11.14 -25.13 3.22
N HIS E 219 -12.11 -24.22 3.38
CA HIS E 219 -13.09 -24.32 4.46
C HIS E 219 -13.97 -25.55 4.29
N SER E 220 -14.42 -25.82 3.07
CA SER E 220 -15.21 -27.02 2.82
C SER E 220 -14.39 -28.28 3.06
N MET E 221 -13.12 -28.28 2.65
CA MET E 221 -12.27 -29.43 2.95
C MET E 221 -12.10 -29.63 4.45
N ALA E 222 -11.93 -28.52 5.18
CA ALA E 222 -11.78 -28.60 6.62
C ALA E 222 -13.03 -29.15 7.28
N THR E 223 -14.21 -28.76 6.79
CA THR E 223 -15.44 -29.28 7.39
C THR E 223 -15.64 -30.76 7.01
N VAL E 224 -15.20 -31.16 5.81
CA VAL E 224 -15.22 -32.58 5.45
C VAL E 224 -14.35 -33.37 6.42
N ASP E 225 -13.13 -32.88 6.67
CA ASP E 225 -12.22 -33.60 7.55
C ASP E 225 -12.72 -33.60 8.99
N PHE E 226 -13.34 -32.50 9.43
CA PHE E 226 -13.90 -32.43 10.77
C PHE E 226 -15.04 -33.42 10.96
N LEU E 227 -15.96 -33.48 9.99
CA LEU E 227 -17.04 -34.46 10.07
C LEU E 227 -16.49 -35.88 10.03
N LEU E 228 -15.51 -36.13 9.15
CA LEU E 228 -14.91 -37.45 9.08
C LEU E 228 -14.32 -37.84 10.43
N GLY E 229 -13.54 -36.95 11.03
CA GLY E 229 -13.05 -37.18 12.38
C GLY E 229 -14.17 -37.52 13.33
N CYS E 230 -15.03 -36.53 13.63
CA CYS E 230 -15.99 -36.67 14.72
C CYS E 230 -16.89 -37.88 14.53
N LEU E 231 -17.31 -38.15 13.30
CA LEU E 231 -18.23 -39.26 13.08
C LEU E 231 -17.49 -40.58 12.99
N VAL E 232 -16.61 -40.73 12.00
CA VAL E 232 -16.07 -42.06 11.68
C VAL E 232 -14.99 -42.45 12.69
N MET E 233 -14.05 -41.55 13.00
CA MET E 233 -12.83 -41.98 13.69
C MET E 233 -13.09 -42.64 15.04
N PRO E 234 -14.06 -42.21 15.87
CA PRO E 234 -14.31 -42.98 17.11
C PRO E 234 -14.77 -44.41 16.87
N TYR E 235 -15.80 -44.59 16.04
CA TYR E 235 -16.30 -45.95 15.78
C TYR E 235 -15.27 -46.77 15.02
N SER E 236 -14.56 -46.15 14.08
CA SER E 236 -13.49 -46.85 13.38
C SER E 236 -12.37 -47.23 14.34
N MET E 237 -12.09 -46.39 15.34
CA MET E 237 -11.14 -46.74 16.39
C MET E 237 -11.61 -47.96 17.17
N VAL E 238 -12.90 -47.98 17.52
CA VAL E 238 -13.43 -49.11 18.27
C VAL E 238 -13.28 -50.40 17.46
N ARG E 239 -13.56 -50.31 16.16
CA ARG E 239 -13.42 -51.48 15.26
C ARG E 239 -11.95 -51.84 15.07
N SER E 240 -11.09 -50.83 14.84
CA SER E 240 -9.66 -51.10 14.60
C SER E 240 -9.01 -51.71 15.84
N ALA E 241 -9.21 -51.09 17.00
CA ALA E 241 -8.58 -51.57 18.25
C ALA E 241 -9.21 -52.90 18.69
N GLU E 242 -10.55 -52.95 18.74
CA GLU E 242 -11.26 -54.19 19.18
C GLU E 242 -11.86 -54.88 17.96
N HIS E 243 -11.43 -56.11 17.66
CA HIS E 243 -11.90 -56.81 16.44
C HIS E 243 -13.35 -57.27 16.63
N CYS E 244 -14.28 -56.30 16.70
CA CYS E 244 -15.73 -56.64 16.82
C CYS E 244 -16.54 -55.35 16.69
N TRP E 245 -17.66 -55.40 15.97
CA TRP E 245 -18.54 -54.20 15.84
C TRP E 245 -19.47 -54.14 17.05
N TYR E 246 -19.25 -53.16 17.94
CA TYR E 246 -20.07 -53.05 19.17
C TYR E 246 -21.32 -52.21 18.86
N PHE E 247 -21.62 -52.03 17.57
CA PHE E 247 -22.76 -51.15 17.18
C PHE E 247 -23.73 -51.96 16.31
N GLY E 248 -24.87 -51.35 15.94
CA GLY E 248 -25.90 -52.07 15.16
C GLY E 248 -25.40 -52.51 13.79
N GLU E 249 -25.95 -53.62 13.27
CA GLU E 249 -25.57 -54.10 11.92
C GLU E 249 -25.96 -53.03 10.89
N VAL E 250 -27.10 -52.35 11.11
CA VAL E 250 -27.49 -51.24 10.21
C VAL E 250 -26.45 -50.13 10.37
N PHE E 251 -26.06 -49.84 11.62
CA PHE E 251 -25.04 -48.82 11.85
C PHE E 251 -23.71 -49.22 11.21
N CYS E 252 -23.49 -50.52 11.01
CA CYS E 252 -22.32 -50.95 10.26
C CYS E 252 -22.37 -50.43 8.83
N LYS E 253 -23.50 -50.60 8.16
CA LYS E 253 -23.65 -50.08 6.80
C LYS E 253 -23.55 -48.56 6.79
N ILE E 254 -24.16 -47.90 7.78
CA ILE E 254 -24.12 -46.44 7.84
C ILE E 254 -22.68 -45.96 8.01
N HIS E 255 -21.94 -46.59 8.91
CA HIS E 255 -20.56 -46.20 9.18
C HIS E 255 -19.66 -46.44 7.97
N THR E 256 -19.81 -47.59 7.32
CA THR E 256 -19.01 -47.85 6.12
C THR E 256 -19.34 -46.83 5.02
N SER E 257 -20.63 -46.53 4.83
CA SER E 257 -21.03 -45.57 3.83
C SER E 257 -20.45 -44.19 4.12
N THR E 258 -20.55 -43.74 5.36
CA THR E 258 -20.08 -42.40 5.68
C THR E 258 -18.55 -42.32 5.67
N ASP E 259 -17.87 -43.43 5.99
CA ASP E 259 -16.42 -43.45 5.91
C ASP E 259 -15.98 -43.30 4.46
N ILE E 260 -16.56 -44.10 3.56
CA ILE E 260 -16.20 -44.00 2.15
C ILE E 260 -16.57 -42.61 1.62
N MET E 261 -17.76 -42.13 1.96
CA MET E 261 -18.19 -40.79 1.54
C MET E 261 -17.18 -39.73 1.94
N LEU E 262 -16.79 -39.70 3.22
CA LEU E 262 -16.01 -38.58 3.72
C LEU E 262 -14.56 -38.68 3.28
N SER E 263 -14.02 -39.90 3.17
CA SER E 263 -12.66 -40.03 2.63
C SER E 263 -12.62 -39.60 1.16
N SER E 264 -13.60 -40.03 0.37
CA SER E 264 -13.63 -39.61 -1.03
C SER E 264 -13.85 -38.11 -1.14
N ALA E 265 -14.68 -37.54 -0.26
CA ALA E 265 -14.90 -36.09 -0.30
C ALA E 265 -13.63 -35.33 0.04
N SER E 266 -12.86 -35.82 1.01
CA SER E 266 -11.60 -35.16 1.35
C SER E 266 -10.62 -35.22 0.17
N ILE E 267 -10.52 -36.37 -0.49
CA ILE E 267 -9.61 -36.47 -1.63
C ILE E 267 -10.10 -35.61 -2.79
N PHE E 268 -11.41 -35.55 -3.00
CA PHE E 268 -11.99 -34.67 -4.02
C PHE E 268 -11.64 -33.21 -3.74
N HIS E 269 -11.73 -32.80 -2.47
CA HIS E 269 -11.39 -31.44 -2.11
C HIS E 269 -9.92 -31.16 -2.31
N LEU E 270 -9.05 -32.15 -2.02
CA LEU E 270 -7.63 -31.98 -2.32
C LEU E 270 -7.42 -31.75 -3.80
N SER E 271 -8.08 -32.53 -4.65
CA SER E 271 -7.94 -32.36 -6.09
C SER E 271 -8.46 -31.00 -6.55
N PHE E 272 -9.58 -30.55 -5.99
CA PHE E 272 -10.15 -29.27 -6.37
C PHE E 272 -9.26 -28.11 -5.93
N ILE E 273 -8.66 -28.21 -4.75
CA ILE E 273 -7.70 -27.20 -4.31
C ILE E 273 -6.50 -27.18 -5.23
N SER E 274 -6.03 -28.35 -5.65
CA SER E 274 -4.92 -28.39 -6.60
C SER E 274 -5.28 -27.72 -7.91
N ILE E 275 -6.49 -27.96 -8.41
CA ILE E 275 -6.93 -27.31 -9.65
C ILE E 275 -7.03 -25.80 -9.47
N ASP E 276 -7.53 -25.36 -8.31
CA ASP E 276 -7.63 -23.93 -8.04
C ASP E 276 -6.25 -23.26 -8.03
N ARG E 277 -5.28 -23.88 -7.37
CA ARG E 277 -3.93 -23.31 -7.37
C ARG E 277 -3.28 -23.41 -8.74
N TYR E 278 -3.63 -24.45 -9.51
CA TYR E 278 -3.16 -24.53 -10.89
C TYR E 278 -3.66 -23.33 -11.68
N TYR E 279 -4.93 -22.98 -11.53
CA TYR E 279 -5.45 -21.81 -12.22
C TYR E 279 -4.78 -20.54 -11.73
N ALA E 280 -4.55 -20.42 -10.43
CA ALA E 280 -3.90 -19.23 -9.90
C ALA E 280 -2.49 -19.07 -10.46
N VAL E 281 -1.79 -20.19 -10.67
CA VAL E 281 -0.40 -20.10 -11.11
C VAL E 281 -0.30 -19.97 -12.63
N CYS E 282 -1.05 -20.77 -13.36
CA CYS E 282 -0.89 -20.85 -14.82
C CYS E 282 -1.82 -19.91 -15.59
N ASP E 283 -2.86 -19.40 -14.96
CA ASP E 283 -3.74 -18.38 -15.56
C ASP E 283 -3.89 -17.25 -14.56
N PRO E 284 -2.85 -16.44 -14.38
CA PRO E 284 -2.87 -15.46 -13.29
C PRO E 284 -3.79 -14.29 -13.55
N LEU E 285 -3.98 -13.90 -14.81
CA LEU E 285 -4.76 -12.69 -15.10
C LEU E 285 -6.25 -12.98 -15.15
N ARG E 286 -6.63 -14.21 -15.48
CA ARG E 286 -8.03 -14.61 -15.53
C ARG E 286 -8.45 -15.44 -14.33
N TYR E 287 -7.62 -15.47 -13.28
CA TYR E 287 -7.88 -16.33 -12.13
C TYR E 287 -9.12 -15.88 -11.37
N LYS E 288 -9.31 -14.58 -11.20
CA LYS E 288 -10.51 -14.08 -10.51
C LYS E 288 -11.77 -14.45 -11.27
N ALA E 289 -11.74 -14.33 -12.60
CA ALA E 289 -12.92 -14.64 -13.40
C ALA E 289 -13.22 -16.13 -13.39
N LYS E 290 -12.20 -16.97 -13.64
CA LYS E 290 -12.45 -18.39 -13.79
C LYS E 290 -12.80 -19.05 -12.46
N MET E 291 -12.03 -18.78 -11.42
CA MET E 291 -12.23 -19.41 -10.11
C MET E 291 -13.03 -18.47 -9.21
N ASN E 292 -14.31 -18.33 -9.55
CA ASN E 292 -15.21 -17.46 -8.80
C ASN E 292 -16.01 -18.29 -7.79
N ILE E 293 -16.86 -17.58 -7.03
CA ILE E 293 -17.61 -18.24 -5.97
C ILE E 293 -18.60 -19.26 -6.53
N LEU E 294 -19.16 -19.00 -7.71
CA LEU E 294 -20.09 -19.96 -8.30
C LEU E 294 -19.37 -21.26 -8.67
N VAL E 295 -18.20 -21.15 -9.29
CA VAL E 295 -17.44 -22.35 -9.65
C VAL E 295 -16.99 -23.09 -8.41
N ILE E 296 -16.57 -22.36 -7.37
CA ILE E 296 -16.13 -23.01 -6.14
C ILE E 296 -17.30 -23.70 -5.44
N CYS E 297 -18.49 -23.08 -5.49
CA CYS E 297 -19.67 -23.72 -4.92
C CYS E 297 -20.03 -24.98 -5.70
N VAL E 298 -19.90 -24.94 -7.02
CA VAL E 298 -20.16 -26.14 -7.82
C VAL E 298 -19.16 -27.24 -7.46
N MET E 299 -17.88 -26.87 -7.29
CA MET E 299 -16.88 -27.85 -6.88
C MET E 299 -17.21 -28.46 -5.53
N ILE E 300 -17.61 -27.62 -4.56
CA ILE E 300 -17.94 -28.11 -3.23
C ILE E 300 -19.14 -29.03 -3.28
N PHE E 301 -20.17 -28.65 -4.05
CA PHE E 301 -21.34 -29.50 -4.18
C PHE E 301 -20.99 -30.84 -4.82
N ILE E 302 -20.15 -30.84 -5.86
CA ILE E 302 -19.75 -32.09 -6.50
C ILE E 302 -19.00 -32.97 -5.52
N SER E 303 -18.03 -32.38 -4.83
CA SER E 303 -17.18 -33.17 -3.92
C SER E 303 -17.97 -33.69 -2.72
N TRP E 304 -19.06 -33.02 -2.36
CA TRP E 304 -19.89 -33.53 -1.27
C TRP E 304 -20.88 -34.58 -1.78
N SER E 305 -21.41 -34.39 -2.98
CA SER E 305 -22.55 -35.20 -3.41
C SER E 305 -22.13 -36.47 -4.11
N VAL E 306 -21.20 -36.38 -5.07
CA VAL E 306 -20.82 -37.57 -5.85
C VAL E 306 -20.25 -38.66 -4.95
N PRO E 307 -19.32 -38.38 -4.02
CA PRO E 307 -18.97 -39.41 -3.04
C PRO E 307 -20.16 -39.90 -2.24
N ALA E 308 -21.08 -39.00 -1.86
CA ALA E 308 -22.22 -39.41 -1.06
C ALA E 308 -23.09 -40.41 -1.81
N VAL E 309 -23.49 -40.06 -3.04
CA VAL E 309 -24.30 -40.96 -3.85
C VAL E 309 -23.56 -42.27 -4.08
N PHE E 310 -22.30 -42.19 -4.50
CA PHE E 310 -21.54 -43.41 -4.81
C PHE E 310 -21.49 -44.34 -3.61
N ALA E 311 -21.02 -43.82 -2.47
CA ALA E 311 -20.81 -44.66 -1.29
C ALA E 311 -22.13 -45.21 -0.78
N PHE E 312 -23.12 -44.34 -0.54
CA PHE E 312 -24.36 -44.82 0.05
C PHE E 312 -25.11 -45.76 -0.88
N GLY E 313 -25.17 -45.45 -2.16
CA GLY E 313 -25.81 -46.35 -3.11
C GLY E 313 -25.14 -47.70 -3.13
N MET E 314 -23.81 -47.73 -3.27
CA MET E 314 -23.09 -48.99 -3.37
C MET E 314 -23.26 -49.83 -2.11
N ILE E 315 -23.20 -49.20 -0.93
CA ILE E 315 -23.31 -49.97 0.30
C ILE E 315 -24.73 -50.47 0.52
N PHE E 316 -25.74 -49.62 0.30
CA PHE E 316 -27.11 -49.97 0.68
C PHE E 316 -27.89 -50.60 -0.46
N LEU E 317 -28.08 -49.85 -1.55
CA LEU E 317 -29.00 -50.30 -2.59
C LEU E 317 -28.30 -51.27 -3.54
N GLU E 318 -27.08 -50.96 -3.94
CA GLU E 318 -26.26 -51.87 -4.70
C GLU E 318 -25.53 -52.79 -3.71
N LEU E 319 -24.55 -53.55 -4.17
CA LEU E 319 -23.79 -54.45 -3.31
C LEU E 319 -22.31 -54.33 -3.63
N ASN E 320 -21.51 -53.96 -2.62
CA ASN E 320 -20.07 -54.03 -2.78
C ASN E 320 -19.62 -55.48 -2.95
N PHE E 321 -20.33 -56.37 -2.24
CA PHE E 321 -20.05 -57.82 -2.31
C PHE E 321 -20.91 -58.42 -3.44
N LYS E 322 -21.03 -57.70 -4.55
CA LYS E 322 -21.79 -58.23 -5.72
C LYS E 322 -21.27 -59.64 -6.01
N GLY E 323 -22.16 -60.56 -6.40
CA GLY E 323 -21.74 -61.96 -6.60
C GLY E 323 -22.06 -62.76 -5.35
N ALA E 324 -22.78 -62.14 -4.39
CA ALA E 324 -23.19 -62.84 -3.14
C ALA E 324 -21.98 -63.57 -2.56
N GLU E 325 -20.81 -62.95 -2.60
CA GLU E 325 -19.58 -63.62 -2.10
C GLU E 325 -19.88 -64.23 -0.73
N GLU E 326 -19.82 -65.56 -0.63
CA GLU E 326 -19.99 -66.19 0.71
C GLU E 326 -18.83 -65.68 1.58
N ILE E 327 -17.67 -65.50 0.96
CA ILE E 327 -16.47 -64.98 1.69
C ILE E 327 -16.84 -63.61 2.29
N TYR E 328 -17.64 -62.81 1.60
CA TYR E 328 -18.08 -61.53 2.20
C TYR E 328 -18.48 -61.79 3.65
N TYR E 329 -19.50 -62.64 3.82
CA TYR E 329 -19.96 -62.97 5.19
C TYR E 329 -18.81 -63.64 5.94
N LYS E 330 -18.14 -64.59 5.30
CA LYS E 330 -17.05 -65.34 5.98
C LYS E 330 -15.97 -64.36 6.43
N HIS E 331 -15.48 -63.50 5.52
CA HIS E 331 -14.40 -62.53 5.83
C HIS E 331 -14.88 -61.56 6.93
N VAL E 332 -16.14 -61.11 6.85
CA VAL E 332 -16.65 -60.12 7.84
C VAL E 332 -16.48 -60.71 9.24
N HIS E 333 -16.87 -61.97 9.44
CA HIS E 333 -16.73 -62.64 10.76
C HIS E 333 -15.24 -62.90 11.03
N CYS E 334 -14.50 -63.38 10.02
CA CYS E 334 -13.06 -63.72 10.21
C CYS E 334 -12.29 -62.46 10.62
N ARG E 335 -12.52 -61.34 9.94
CA ARG E 335 -11.77 -60.09 10.23
C ARG E 335 -12.51 -59.28 11.31
N GLY E 336 -12.11 -58.03 11.52
CA GLY E 336 -12.76 -57.18 12.53
C GLY E 336 -14.22 -56.93 12.20
N GLY E 337 -15.04 -56.66 13.23
CA GLY E 337 -16.48 -56.43 13.00
C GLY E 337 -16.73 -55.36 11.96
N CYS E 338 -17.73 -55.57 11.10
CA CYS E 338 -18.06 -54.58 10.03
C CYS E 338 -16.85 -54.37 9.12
N SER E 339 -16.44 -55.42 8.39
CA SER E 339 -15.27 -55.31 7.47
C SER E 339 -15.69 -54.66 6.16
N VAL E 340 -14.81 -53.83 5.59
CA VAL E 340 -15.12 -53.13 4.30
C VAL E 340 -14.78 -54.07 3.13
N PHE E 341 -15.69 -55.01 2.83
CA PHE E 341 -15.42 -56.01 1.75
C PHE E 341 -15.92 -55.45 0.41
N PHE E 342 -15.04 -55.36 -0.59
CA PHE E 342 -15.41 -54.86 -1.93
C PHE E 342 -15.09 -55.95 -2.96
N SER E 343 -16.06 -56.30 -3.82
CA SER E 343 -15.82 -57.32 -4.87
C SER E 343 -14.82 -56.78 -5.90
N LYS E 344 -14.16 -57.67 -6.63
CA LYS E 344 -13.20 -57.26 -7.65
C LYS E 344 -13.66 -56.02 -8.39
N ILE E 345 -14.88 -56.04 -8.94
CA ILE E 345 -15.39 -54.90 -9.68
C ILE E 345 -15.64 -53.72 -8.74
N SER E 346 -16.23 -53.99 -7.58
CA SER E 346 -16.47 -52.91 -6.61
C SER E 346 -15.16 -52.33 -6.12
N GLY E 347 -14.16 -53.17 -5.86
CA GLY E 347 -12.88 -52.67 -5.42
C GLY E 347 -12.19 -51.80 -6.45
N VAL E 348 -12.18 -52.26 -7.71
CA VAL E 348 -11.56 -51.46 -8.76
C VAL E 348 -12.29 -50.13 -8.93
N LEU E 349 -13.62 -50.17 -8.95
CA LEU E 349 -14.40 -48.94 -9.12
C LEU E 349 -14.16 -47.96 -7.97
N THR E 350 -14.20 -48.44 -6.72
CA THR E 350 -14.00 -47.52 -5.60
C THR E 350 -12.57 -46.98 -5.56
N PHE E 351 -11.58 -47.81 -5.88
CA PHE E 351 -10.21 -47.33 -5.94
C PHE E 351 -10.05 -46.24 -7.00
N MET E 352 -10.53 -46.50 -8.21
CA MET E 352 -10.39 -45.52 -9.28
C MET E 352 -11.17 -44.25 -8.98
N THR E 353 -12.34 -44.37 -8.37
CA THR E 353 -13.16 -43.19 -8.11
C THR E 353 -12.59 -42.34 -6.98
N SER E 354 -12.08 -42.97 -5.92
CA SER E 354 -11.70 -42.25 -4.72
C SER E 354 -10.24 -41.84 -4.67
N PHE E 355 -9.32 -42.62 -5.26
CA PHE E 355 -7.91 -42.31 -5.10
C PHE E 355 -7.24 -41.95 -6.42
N TYR E 356 -7.39 -42.79 -7.44
CA TYR E 356 -6.62 -42.62 -8.65
C TYR E 356 -7.04 -41.38 -9.43
N ILE E 357 -8.34 -41.23 -9.66
CA ILE E 357 -8.83 -40.13 -10.50
C ILE E 357 -8.51 -38.78 -9.86
N PRO E 358 -8.80 -38.54 -8.57
CA PRO E 358 -8.32 -37.29 -7.98
C PRO E 358 -6.82 -37.25 -7.79
N GLY E 359 -6.21 -38.39 -7.46
CA GLY E 359 -4.78 -38.41 -7.22
C GLY E 359 -3.95 -38.12 -8.45
N SER E 360 -4.35 -38.67 -9.61
CA SER E 360 -3.60 -38.42 -10.82
C SER E 360 -3.66 -36.96 -11.21
N ILE E 361 -4.83 -36.33 -11.07
CA ILE E 361 -4.96 -34.90 -11.34
C ILE E 361 -4.09 -34.10 -10.38
N MET E 362 -4.08 -34.47 -9.10
CA MET E 362 -3.26 -33.75 -8.14
C MET E 362 -1.78 -33.87 -8.45
N LEU E 363 -1.34 -35.07 -8.82
CA LEU E 363 0.08 -35.30 -9.19
C LEU E 363 0.45 -34.37 -10.36
N CYS E 364 -0.24 -34.51 -11.50
CA CYS E 364 0.12 -33.71 -12.71
C CYS E 364 0.05 -32.22 -12.39
N VAL E 365 -1.01 -31.74 -11.75
CA VAL E 365 -1.13 -30.26 -11.56
C VAL E 365 -0.02 -29.74 -10.64
N TYR E 366 0.39 -30.52 -9.63
CA TYR E 366 1.51 -30.05 -8.76
C TYR E 366 2.85 -30.20 -9.50
N TYR E 367 3.00 -31.25 -10.31
CA TYR E 367 4.24 -31.36 -11.08
C TYR E 367 4.39 -30.19 -12.05
N ARG E 368 3.31 -29.81 -12.74
CA ARG E 368 3.40 -28.65 -13.62
C ARG E 368 3.69 -27.38 -12.84
N ILE E 369 3.09 -27.25 -11.65
CA ILE E 369 3.38 -26.12 -10.78
C ILE E 369 4.84 -26.13 -10.36
N TYR E 370 5.37 -27.30 -10.02
CA TYR E 370 6.80 -27.44 -9.75
C TYR E 370 7.65 -26.93 -10.90
N LEU E 371 7.33 -27.36 -12.13
CA LEU E 371 8.15 -26.96 -13.27
C LEU E 371 8.12 -25.45 -13.45
N ILE E 372 6.93 -24.85 -13.36
CA ILE E 372 6.81 -23.40 -13.58
C ILE E 372 7.55 -22.64 -12.48
N ALA E 373 7.34 -23.01 -11.21
CA ALA E 373 8.00 -22.30 -10.12
C ALA E 373 9.51 -22.45 -10.20
N LYS E 374 9.99 -23.64 -10.56
CA LYS E 374 11.43 -23.86 -10.66
C LYS E 374 12.03 -23.02 -11.77
N GLU E 375 11.38 -22.95 -12.94
CA GLU E 375 11.94 -22.15 -14.03
C GLU E 375 11.92 -20.67 -13.67
N GLN E 376 10.87 -20.22 -12.97
CA GLN E 376 10.83 -18.82 -12.57
C GLN E 376 11.93 -18.48 -11.57
N ALA E 377 12.15 -19.36 -10.59
CA ALA E 377 13.22 -19.14 -9.63
C ALA E 377 14.59 -19.17 -10.31
N ARG E 378 14.76 -20.05 -11.29
CA ARG E 378 16.01 -20.08 -12.04
C ARG E 378 16.21 -18.77 -12.80
N LEU E 379 15.15 -18.23 -13.39
CA LEU E 379 15.27 -16.95 -14.09
C LEU E 379 15.66 -15.83 -13.14
N ILE E 380 15.07 -15.80 -11.94
CA ILE E 380 15.46 -14.78 -10.96
C ILE E 380 16.92 -14.92 -10.58
N SER E 381 17.36 -16.16 -10.31
CA SER E 381 18.76 -16.36 -9.93
C SER E 381 19.69 -15.93 -11.06
N ASP E 382 19.28 -16.21 -12.30
CA ASP E 382 20.13 -15.87 -13.48
C ASP E 382 20.41 -14.37 -13.55
N ALA E 383 19.38 -13.54 -13.79
CA ALA E 383 19.59 -12.08 -13.99
C ALA E 383 20.34 -11.42 -12.84
N ASN E 384 19.96 -11.74 -11.60
CA ASN E 384 20.59 -11.06 -10.44
C ASN E 384 22.10 -11.37 -10.44
N GLN E 385 22.48 -12.63 -10.63
CA GLN E 385 23.93 -12.99 -10.70
C GLN E 385 24.57 -12.27 -11.90
N LYS E 386 23.92 -12.31 -13.07
CA LYS E 386 24.44 -11.61 -14.28
C LYS E 386 24.81 -10.17 -13.93
N GLU E 402 17.58 -22.01 -3.64
CA GLU E 402 16.56 -22.12 -2.60
C GLU E 402 15.57 -23.24 -2.90
N ARG E 403 14.78 -23.05 -3.95
CA ARG E 403 13.78 -24.03 -4.38
C ARG E 403 12.77 -24.31 -3.27
N LYS E 404 12.00 -23.28 -2.92
CA LYS E 404 10.89 -23.47 -2.00
C LYS E 404 9.76 -24.28 -2.61
N ALA E 405 9.65 -24.29 -3.94
CA ALA E 405 8.66 -25.13 -4.60
C ALA E 405 8.91 -26.60 -4.29
N VAL E 406 10.18 -27.01 -4.29
CA VAL E 406 10.52 -28.38 -3.94
C VAL E 406 9.99 -28.72 -2.55
N LYS E 407 10.28 -27.87 -1.56
CA LYS E 407 9.86 -28.17 -0.20
C LYS E 407 8.34 -28.21 -0.08
N THR E 408 7.66 -27.20 -0.62
CA THR E 408 6.21 -27.12 -0.43
C THR E 408 5.49 -28.24 -1.15
N LEU E 409 5.81 -28.47 -2.42
CA LEU E 409 5.11 -29.53 -3.16
C LEU E 409 5.53 -30.91 -2.68
N GLY E 410 6.76 -31.08 -2.21
CA GLY E 410 7.14 -32.32 -1.58
C GLY E 410 6.34 -32.59 -0.32
N ILE E 411 6.18 -31.57 0.53
CA ILE E 411 5.35 -31.73 1.72
C ILE E 411 3.94 -32.15 1.33
N VAL E 412 3.33 -31.41 0.41
CA VAL E 412 1.95 -31.69 0.01
C VAL E 412 1.84 -33.13 -0.50
N MET E 413 2.64 -33.47 -1.51
CA MET E 413 2.43 -34.74 -2.21
C MET E 413 2.90 -35.91 -1.37
N GLY E 414 3.96 -35.72 -0.57
CA GLY E 414 4.39 -36.78 0.31
C GLY E 414 3.37 -37.09 1.39
N VAL E 415 2.79 -36.04 2.00
CA VAL E 415 1.75 -36.28 2.99
C VAL E 415 0.60 -37.06 2.34
N PHE E 416 0.12 -36.59 1.19
CA PHE E 416 -0.99 -37.26 0.53
C PHE E 416 -0.66 -38.72 0.23
N LEU E 417 0.48 -38.97 -0.40
CA LEU E 417 0.81 -40.31 -0.85
C LEU E 417 1.08 -41.25 0.32
N ILE E 418 1.91 -40.84 1.27
CA ILE E 418 2.21 -41.71 2.40
C ILE E 418 0.95 -42.02 3.19
N CYS E 419 0.03 -41.05 3.29
CA CYS E 419 -1.16 -41.29 4.10
C CYS E 419 -2.17 -42.17 3.37
N TRP E 420 -2.29 -42.06 2.05
CA TRP E 420 -3.37 -42.77 1.36
C TRP E 420 -2.93 -43.93 0.49
N CYS E 421 -1.84 -43.79 -0.28
CA CYS E 421 -1.52 -44.77 -1.31
C CYS E 421 -1.37 -46.20 -0.80
N PRO E 422 -0.64 -46.48 0.29
CA PRO E 422 -0.59 -47.88 0.76
C PRO E 422 -1.96 -48.45 1.07
N PHE E 423 -2.84 -47.64 1.67
CA PHE E 423 -4.18 -48.12 2.01
C PHE E 423 -4.95 -48.53 0.77
N PHE E 424 -4.97 -47.67 -0.25
CA PHE E 424 -5.76 -47.97 -1.44
C PHE E 424 -5.12 -49.07 -2.27
N ILE E 425 -3.79 -49.17 -2.27
CA ILE E 425 -3.13 -50.28 -2.96
C ILE E 425 -3.54 -51.61 -2.32
N CYS E 426 -3.43 -51.71 -0.99
CA CYS E 426 -3.81 -52.95 -0.34
C CYS E 426 -5.31 -53.21 -0.47
N THR E 427 -6.12 -52.15 -0.48
CA THR E 427 -7.57 -52.31 -0.64
C THR E 427 -7.92 -52.87 -2.01
N VAL E 428 -7.23 -52.41 -3.06
CA VAL E 428 -7.54 -52.90 -4.39
C VAL E 428 -6.91 -54.27 -4.62
N MET E 429 -5.87 -54.60 -3.85
CA MET E 429 -5.26 -55.93 -4.00
C MET E 429 -6.10 -57.03 -3.37
N ASP E 430 -6.80 -56.73 -2.28
CA ASP E 430 -7.54 -57.76 -1.56
C ASP E 430 -8.61 -58.48 -2.39
N PRO E 431 -9.39 -57.82 -3.26
CA PRO E 431 -10.32 -58.59 -4.10
C PRO E 431 -9.63 -59.66 -4.94
N PHE E 432 -8.44 -59.35 -5.46
CA PHE E 432 -7.59 -60.36 -6.05
C PHE E 432 -6.74 -61.00 -4.96
N LEU E 433 -5.85 -61.91 -5.35
CA LEU E 433 -4.83 -62.46 -4.47
C LEU E 433 -5.42 -63.22 -3.29
N HIS E 434 -6.75 -63.33 -3.20
CA HIS E 434 -7.45 -64.18 -2.24
C HIS E 434 -7.26 -63.72 -0.80
N TYR E 435 -7.20 -62.40 -0.60
CA TYR E 435 -7.31 -61.78 0.72
C TYR E 435 -6.33 -62.37 1.73
N ILE E 436 -5.04 -62.22 1.47
CA ILE E 436 -4.06 -62.85 2.35
C ILE E 436 -3.58 -61.87 3.43
N ILE E 437 -3.85 -60.57 3.23
CA ILE E 437 -3.22 -59.58 4.12
C ILE E 437 -3.82 -59.70 5.53
N PRO E 438 -3.06 -59.46 6.58
CA PRO E 438 -3.60 -59.57 7.94
C PRO E 438 -4.55 -58.42 8.24
N PRO E 439 -5.47 -58.61 9.18
CA PRO E 439 -6.36 -57.50 9.57
C PRO E 439 -5.64 -56.30 10.13
N THR E 440 -4.55 -56.52 10.88
CA THR E 440 -3.83 -55.41 11.48
C THR E 440 -3.26 -54.48 10.42
N LEU E 441 -2.88 -55.04 9.26
CA LEU E 441 -2.45 -54.20 8.15
C LEU E 441 -3.58 -53.29 7.68
N ASN E 442 -4.79 -53.84 7.56
CA ASN E 442 -5.93 -53.01 7.18
C ASN E 442 -6.18 -51.91 8.21
N ASP E 443 -6.01 -52.22 9.48
CA ASP E 443 -6.27 -51.26 10.54
C ASP E 443 -5.21 -50.21 10.72
N VAL E 444 -3.98 -50.45 10.28
CA VAL E 444 -2.95 -49.40 10.24
C VAL E 444 -3.07 -48.57 8.96
N LEU E 445 -3.49 -49.19 7.85
CA LEU E 445 -3.68 -48.41 6.64
C LEU E 445 -4.90 -47.50 6.74
N ILE E 446 -5.97 -47.97 7.39
CA ILE E 446 -7.11 -47.11 7.64
C ILE E 446 -6.70 -45.91 8.47
N TRP E 447 -5.85 -46.13 9.47
CA TRP E 447 -5.44 -45.01 10.29
C TRP E 447 -4.44 -44.10 9.58
N PHE E 448 -3.68 -44.60 8.61
CA PHE E 448 -2.93 -43.71 7.73
C PHE E 448 -3.87 -42.82 6.91
N GLY E 449 -4.93 -43.42 6.37
CA GLY E 449 -5.91 -42.63 5.65
C GLY E 449 -6.53 -41.55 6.51
N TYR E 450 -6.79 -41.86 7.77
CA TYR E 450 -7.28 -40.83 8.69
C TYR E 450 -6.20 -39.82 9.01
N LEU E 451 -4.94 -40.24 9.04
CA LEU E 451 -3.84 -39.31 9.26
C LEU E 451 -3.76 -38.27 8.16
N ASN E 452 -4.19 -38.62 6.95
CA ASN E 452 -4.24 -37.59 5.91
C ASN E 452 -5.19 -36.46 6.30
N SER E 453 -6.38 -36.81 6.78
CA SER E 453 -7.32 -35.77 7.21
C SER E 453 -6.79 -35.03 8.43
N THR E 454 -6.00 -35.72 9.25
CA THR E 454 -5.33 -35.04 10.35
C THR E 454 -4.36 -33.97 9.85
N PHE E 455 -3.56 -34.29 8.83
CA PHE E 455 -2.51 -33.41 8.35
C PHE E 455 -2.99 -32.41 7.30
N ASN E 456 -4.21 -32.54 6.80
CA ASN E 456 -4.69 -31.59 5.80
C ASN E 456 -4.69 -30.15 6.26
N PRO E 457 -5.20 -29.80 7.45
CA PRO E 457 -5.11 -28.39 7.88
C PRO E 457 -3.69 -27.87 7.94
N MET E 458 -2.75 -28.67 8.45
CA MET E 458 -1.37 -28.22 8.54
C MET E 458 -0.78 -27.95 7.17
N VAL E 459 -1.11 -28.80 6.19
CA VAL E 459 -0.56 -28.63 4.86
C VAL E 459 -1.17 -27.42 4.16
N TYR E 460 -2.47 -27.20 4.33
CA TYR E 460 -3.18 -26.28 3.46
C TYR E 460 -3.48 -24.91 4.07
N ALA E 461 -3.56 -24.78 5.40
CA ALA E 461 -3.81 -23.50 6.02
C ALA E 461 -2.62 -23.02 6.86
N PHE E 462 -2.21 -23.80 7.86
CA PHE E 462 -1.17 -23.35 8.76
C PHE E 462 0.17 -23.17 8.05
N PHE E 463 0.31 -23.77 6.88
CA PHE E 463 1.61 -23.74 6.19
C PHE E 463 1.90 -22.38 5.59
N TYR E 464 0.86 -21.59 5.30
CA TYR E 464 1.06 -20.35 4.57
C TYR E 464 1.07 -19.14 5.50
N PRO E 465 1.91 -18.15 5.22
CA PRO E 465 2.00 -16.97 6.10
C PRO E 465 0.68 -16.28 6.40
N TRP E 466 -0.23 -16.18 5.42
CA TRP E 466 -1.43 -15.39 5.63
C TRP E 466 -2.31 -16.00 6.72
N PHE E 467 -2.46 -17.32 6.73
CA PHE E 467 -3.24 -17.95 7.78
C PHE E 467 -2.53 -17.84 9.13
N ARG E 468 -1.21 -18.05 9.11
CA ARG E 468 -0.47 -18.00 10.38
C ARG E 468 -0.70 -16.62 11.00
N LYS E 469 -0.41 -15.55 10.25
CA LYS E 469 -0.51 -14.18 10.82
C LYS E 469 -1.96 -13.87 11.20
N ALA E 470 -2.93 -14.29 10.39
CA ALA E 470 -4.34 -13.95 10.69
C ALA E 470 -4.74 -14.68 11.98
N LEU E 471 -4.33 -15.94 12.11
CA LEU E 471 -4.65 -16.72 13.33
C LEU E 471 -3.99 -16.04 14.53
N LYS E 472 -2.79 -15.49 14.34
CA LYS E 472 -2.07 -14.78 15.43
C LYS E 472 -2.87 -13.54 15.84
N MET E 473 -3.29 -12.74 14.86
CA MET E 473 -4.10 -11.52 15.14
C MET E 473 -5.37 -11.94 15.90
N MET E 474 -5.92 -13.11 15.57
CA MET E 474 -7.09 -13.61 16.35
C MET E 474 -6.64 -13.85 17.80
C1 CLR F . -20.45 -21.18 11.83
C2 CLR F . -19.83 -19.79 12.04
C3 CLR F . -18.90 -19.77 13.23
C4 CLR F . -17.82 -20.81 13.05
C5 CLR F . -18.40 -22.19 12.82
C6 CLR F . -18.09 -23.21 13.60
C7 CLR F . -18.44 -24.64 13.34
C8 CLR F . -19.14 -24.84 11.99
C9 CLR F . -20.11 -23.69 11.72
C10 CLR F . -19.40 -22.30 11.66
C11 CLR F . -20.98 -23.94 10.48
C12 CLR F . -21.68 -25.31 10.50
C13 CLR F . -20.68 -26.45 10.69
C14 CLR F . -19.91 -26.15 11.99
C15 CLR F . -19.16 -27.45 12.31
C16 CLR F . -20.12 -28.55 11.81
C17 CLR F . -21.27 -27.85 11.03
C18 CLR F . -19.74 -26.56 9.47
C19 CLR F . -18.64 -22.10 10.34
C20 CLR F . -21.84 -28.74 9.91
C21 CLR F . -23.15 -28.22 9.35
C22 CLR F . -22.00 -30.18 10.41
C23 CLR F . -23.13 -30.40 11.37
C24 CLR F . -23.19 -31.82 11.90
C25 CLR F . -23.40 -32.91 10.84
C26 CLR F . -24.61 -32.62 9.99
C27 CLR F . -23.49 -34.28 11.49
O1 CLR F . -18.31 -18.48 13.36
#